data_3SN5
#
_entry.id   3SN5
#
_cell.length_a   56.160
_cell.length_b   137.630
_cell.length_c   160.150
_cell.angle_alpha   90.000
_cell.angle_beta   90.000
_cell.angle_gamma   90.000
#
_symmetry.space_group_name_H-M   'P 21 21 21'
#
loop_
_entity.id
_entity.type
_entity.pdbx_description
1 polymer 'Cholesterol 7-alpha-monooxygenase'
2 non-polymer 'PROTOPORPHYRIN IX CONTAINING FE'
3 non-polymer (8ALPHA,9BETA)-CHOLEST-4-EN-3-ONE
4 non-polymer 'UNKNOWN ATOM OR ION'
5 water water
#
_entity_poly.entity_id   1
_entity_poly.type   'polypeptide(L)'
_entity_poly.pdbx_seq_one_letter_code
;MAKKTSSRRRQTGEPPLENGLIPYLGCALQFGANPLEFLRANQRKHGHVFTCKLMGKYVHFITNPLSYHKVLCHGKYFDW
KKFHFALSAKAFGHRSIDPMDGNTTENINDTFIKTLQGHALNSLTESMMENLQRIMRPPVSSNSKTAAWVTEGMYSFCYR
VMFEAGYLTIFGRDLTRRDTQKAHILNNLDNFKQFDKVFPALVAGLPIHMFRTAHNAREKLAESLRHENLQKRESISELI
SLRMFLNDTLSTFDDLEKAKTHLVVLWASQANTIPATFWSLFQMIRNPEAMKAATEEVKRTLENAGQKVSLEGNPICLSQ
AELNDLPVLDSIIKESLRLSSASLNIRTAKEDFTLHLEDGSYNIRKDDIIALYPQLMHLDPEIYPDPLTFKYDRYLDENG
KTKTTFYCNGLKLKYYYMPFGSGATICPGRLFAIHEIKQFLILMLSYFELELIEGQAKCPPLDQSRAGLGILPPLNDIEF
KYKFKHHHHHH
;
_entity_poly.pdbx_strand_id   A,B
#
loop_
_chem_comp.id
_chem_comp.type
_chem_comp.name
_chem_comp.formula
HEM non-polymer 'PROTOPORPHYRIN IX CONTAINING FE' 'C34 H32 Fe N4 O4'
K2B non-polymer (8ALPHA,9BETA)-CHOLEST-4-EN-3-ONE 'C27 H44 O'
UNX non-polymer 'UNKNOWN ATOM OR ION' ?
#
# COMPACT_ATOMS: atom_id res chain seq x y z
N SER A 7 32.95 -28.28 -14.37
CA SER A 7 32.19 -28.65 -13.17
C SER A 7 32.85 -28.17 -11.86
N ARG A 8 32.08 -28.17 -10.77
CA ARG A 8 32.53 -27.76 -9.44
C ARG A 8 33.15 -28.97 -8.70
N ARG A 9 34.29 -28.74 -8.03
CA ARG A 9 34.95 -29.79 -7.26
C ARG A 9 35.01 -29.39 -5.80
N ARG A 10 34.87 -30.35 -4.85
CA ARG A 10 34.94 -30.10 -3.40
C ARG A 10 36.37 -29.68 -3.04
N GLN A 11 36.49 -28.60 -2.25
CA GLN A 11 37.79 -28.06 -1.84
C GLN A 11 38.04 -28.28 -0.34
N THR A 12 39.15 -27.73 0.22
CA THR A 12 39.53 -27.89 1.64
C THR A 12 38.47 -27.26 2.57
N GLY A 13 38.00 -28.06 3.52
CA GLY A 13 36.99 -27.65 4.50
C GLY A 13 35.55 -27.71 4.02
N GLU A 14 35.33 -27.57 2.69
CA GLU A 14 34.03 -27.60 2.02
C GLU A 14 33.25 -28.90 2.30
N PRO A 15 31.90 -28.84 2.44
CA PRO A 15 31.13 -30.06 2.72
C PRO A 15 31.13 -31.08 1.57
N PRO A 16 30.84 -32.39 1.83
CA PRO A 16 30.76 -33.35 0.72
C PRO A 16 29.78 -32.90 -0.37
N LEU A 17 30.26 -32.83 -1.63
CA LEU A 17 29.48 -32.34 -2.77
C LEU A 17 28.86 -33.47 -3.61
N GLU A 18 27.54 -33.37 -3.83
CA GLU A 18 26.76 -34.27 -4.68
C GLU A 18 26.34 -33.42 -5.90
N ASN A 19 26.94 -33.68 -7.08
CA ASN A 19 26.71 -32.89 -8.30
C ASN A 19 25.50 -33.34 -9.14
N GLY A 20 25.05 -34.58 -8.94
CA GLY A 20 23.91 -35.14 -9.65
C GLY A 20 24.29 -35.73 -11.01
N LEU A 21 23.34 -36.42 -11.65
CA LEU A 21 23.60 -37.04 -12.95
C LEU A 21 23.16 -36.18 -14.15
N ILE A 22 22.57 -34.99 -13.91
CA ILE A 22 22.07 -34.11 -14.98
C ILE A 22 22.77 -32.73 -14.98
N PRO A 23 23.25 -32.23 -16.17
CA PRO A 23 23.82 -30.87 -16.22
C PRO A 23 22.78 -29.81 -15.86
N TYR A 24 23.20 -28.75 -15.16
CA TYR A 24 22.32 -27.67 -14.67
C TYR A 24 21.33 -28.15 -13.58
N LEU A 25 20.45 -29.14 -13.83
CA LEU A 25 19.47 -29.59 -12.81
C LEU A 25 20.15 -30.21 -11.60
N GLY A 26 21.12 -31.06 -11.89
CA GLY A 26 21.88 -31.79 -10.88
C GLY A 26 21.05 -32.88 -10.24
N CYS A 27 20.74 -32.68 -8.95
CA CYS A 27 19.99 -33.60 -8.09
C CYS A 27 18.51 -33.29 -8.11
N ALA A 28 18.09 -32.18 -8.75
CA ALA A 28 16.71 -31.69 -8.82
C ALA A 28 15.68 -32.80 -9.06
N LEU A 29 15.90 -33.60 -10.12
CA LEU A 29 14.99 -34.71 -10.46
C LEU A 29 14.85 -35.67 -9.29
N GLN A 30 16.00 -36.20 -8.78
CA GLN A 30 16.05 -37.11 -7.63
C GLN A 30 15.42 -36.45 -6.39
N PHE A 31 15.77 -35.17 -6.12
CA PHE A 31 15.23 -34.40 -5.00
C PHE A 31 13.70 -34.29 -5.10
N GLY A 32 13.21 -33.95 -6.29
CA GLY A 32 11.78 -33.86 -6.58
C GLY A 32 11.01 -35.17 -6.44
N ALA A 33 11.64 -36.32 -6.82
CA ALA A 33 11.06 -37.65 -6.76
C ALA A 33 10.63 -38.07 -5.34
N ASN A 34 11.43 -37.72 -4.32
CA ASN A 34 11.17 -37.98 -2.89
C ASN A 34 12.06 -37.05 -2.06
N PRO A 35 11.61 -35.79 -1.81
CA PRO A 35 12.46 -34.82 -1.10
C PRO A 35 12.96 -35.25 0.27
N LEU A 36 12.08 -35.85 1.10
CA LEU A 36 12.44 -36.28 2.45
C LEU A 36 13.40 -37.46 2.44
N GLU A 37 13.16 -38.44 1.56
CA GLU A 37 13.99 -39.62 1.52
C GLU A 37 15.31 -39.38 0.81
N PHE A 38 15.35 -38.38 -0.11
CA PHE A 38 16.57 -37.99 -0.82
C PHE A 38 17.57 -37.40 0.20
N LEU A 39 17.08 -36.49 1.05
CA LEU A 39 17.90 -35.85 2.08
C LEU A 39 18.31 -36.84 3.15
N ARG A 40 17.39 -37.75 3.54
CA ARG A 40 17.67 -38.81 4.51
C ARG A 40 18.73 -39.79 3.98
N ALA A 41 18.74 -40.06 2.67
CA ALA A 41 19.74 -40.93 2.05
C ALA A 41 21.11 -40.24 2.04
N ASN A 42 21.12 -38.91 1.78
CA ASN A 42 22.34 -38.11 1.79
C ASN A 42 22.89 -37.94 3.20
N GLN A 43 21.97 -37.93 4.21
CA GLN A 43 22.28 -37.82 5.64
C GLN A 43 23.07 -39.07 6.09
N ARG A 44 22.68 -40.27 5.59
CA ARG A 44 23.33 -41.54 5.90
C ARG A 44 24.70 -41.64 5.22
N LYS A 45 24.78 -41.26 3.95
CA LYS A 45 25.97 -41.28 3.10
C LYS A 45 27.02 -40.18 3.45
N HIS A 46 26.59 -38.97 3.89
CA HIS A 46 27.49 -37.83 4.13
C HIS A 46 27.42 -37.14 5.50
N GLY A 47 26.52 -37.58 6.36
CA GLY A 47 26.37 -36.93 7.66
C GLY A 47 25.37 -35.79 7.62
N HIS A 48 25.42 -34.91 8.62
CA HIS A 48 24.49 -33.80 8.81
C HIS A 48 24.71 -32.58 7.88
N VAL A 49 25.90 -32.45 7.22
CA VAL A 49 26.19 -31.33 6.31
C VAL A 49 26.70 -31.86 4.95
N PHE A 50 25.98 -31.52 3.86
CA PHE A 50 26.29 -31.92 2.47
C PHE A 50 25.78 -30.90 1.44
N THR A 51 26.46 -30.81 0.28
CA THR A 51 26.13 -29.86 -0.79
C THR A 51 25.54 -30.54 -2.03
N CYS A 52 24.40 -30.01 -2.50
CA CYS A 52 23.66 -30.52 -3.66
C CYS A 52 23.53 -29.48 -4.77
N LYS A 53 23.94 -29.85 -6.00
CA LYS A 53 23.78 -28.97 -7.14
C LYS A 53 22.31 -29.06 -7.55
N LEU A 54 21.57 -27.97 -7.33
CA LEU A 54 20.16 -27.93 -7.69
C LEU A 54 19.89 -26.71 -8.58
N MET A 55 19.37 -26.97 -9.80
CA MET A 55 18.96 -25.94 -10.76
C MET A 55 19.99 -24.80 -10.95
N GLY A 56 21.25 -25.18 -11.16
CA GLY A 56 22.36 -24.24 -11.34
C GLY A 56 23.01 -23.75 -10.07
N LYS A 57 22.38 -23.98 -8.89
CA LYS A 57 22.89 -23.55 -7.58
C LYS A 57 23.53 -24.69 -6.79
N TYR A 58 24.30 -24.35 -5.73
CA TYR A 58 24.94 -25.31 -4.85
C TYR A 58 24.38 -25.07 -3.45
N VAL A 59 23.48 -25.97 -3.06
CA VAL A 59 22.71 -25.91 -1.83
C VAL A 59 23.36 -26.74 -0.73
N HIS A 60 23.83 -26.06 0.31
CA HIS A 60 24.40 -26.72 1.49
C HIS A 60 23.22 -26.99 2.43
N PHE A 61 22.94 -28.28 2.71
CA PHE A 61 21.84 -28.65 3.61
C PHE A 61 22.35 -28.90 5.02
N ILE A 62 21.77 -28.21 5.99
CA ILE A 62 22.08 -28.35 7.41
C ILE A 62 20.94 -29.20 7.96
N THR A 63 21.26 -30.45 8.37
CA THR A 63 20.24 -31.40 8.82
C THR A 63 20.23 -31.64 10.33
N ASN A 64 21.34 -31.35 11.05
CA ASN A 64 21.40 -31.47 12.53
C ASN A 64 20.45 -30.42 13.18
N PRO A 65 19.38 -30.83 13.90
CA PRO A 65 18.47 -29.82 14.51
C PRO A 65 19.15 -28.88 15.49
N LEU A 66 20.24 -29.37 16.11
CA LEU A 66 21.08 -28.64 17.06
C LEU A 66 21.95 -27.57 16.36
N SER A 67 21.93 -27.51 15.00
CA SER A 67 22.73 -26.56 14.22
C SER A 67 21.89 -25.43 13.60
N TYR A 68 20.56 -25.58 13.61
CA TYR A 68 19.59 -24.64 13.05
C TYR A 68 19.81 -23.20 13.52
N HIS A 69 20.18 -22.99 14.81
CA HIS A 69 20.41 -21.66 15.39
C HIS A 69 21.56 -20.89 14.73
N LYS A 70 22.68 -21.58 14.39
CA LYS A 70 23.85 -20.95 13.76
C LYS A 70 23.55 -20.45 12.34
N VAL A 71 22.48 -20.96 11.73
CA VAL A 71 22.03 -20.65 10.37
C VAL A 71 20.92 -19.57 10.39
N LEU A 72 19.92 -19.72 11.29
CA LEU A 72 18.78 -18.83 11.45
C LEU A 72 19.11 -17.47 12.09
N CYS A 73 20.37 -17.29 12.54
CA CYS A 73 20.85 -16.06 13.15
C CYS A 73 21.01 -14.94 12.10
N HIS A 74 20.96 -13.66 12.54
CA HIS A 74 21.14 -12.51 11.66
C HIS A 74 22.65 -12.27 11.46
N GLY A 75 23.22 -12.99 10.50
CA GLY A 75 24.64 -12.95 10.16
C GLY A 75 24.98 -11.94 9.08
N LYS A 76 26.20 -11.38 9.14
CA LYS A 76 26.71 -10.41 8.17
C LYS A 76 26.99 -11.05 6.81
N TYR A 77 27.14 -12.40 6.77
CA TYR A 77 27.42 -13.13 5.54
C TYR A 77 26.16 -13.64 4.80
N PHE A 78 24.97 -13.58 5.44
CA PHE A 78 23.74 -14.05 4.81
C PHE A 78 22.92 -12.98 4.12
N ASP A 79 22.27 -13.36 3.01
CA ASP A 79 21.31 -12.55 2.27
C ASP A 79 20.04 -13.40 2.24
N TRP A 80 18.96 -12.88 2.83
CA TRP A 80 17.70 -13.62 2.96
C TRP A 80 16.54 -12.95 2.22
N LYS A 81 16.82 -12.26 1.08
CA LYS A 81 15.78 -11.61 0.30
C LYS A 81 15.92 -11.86 -1.21
N LYS A 82 17.17 -11.83 -1.75
CA LYS A 82 17.51 -11.97 -3.17
C LYS A 82 16.85 -13.16 -3.87
N PHE A 83 16.85 -14.33 -3.25
CA PHE A 83 16.26 -15.55 -3.82
C PHE A 83 14.72 -15.44 -3.86
N HIS A 84 14.11 -14.98 -2.74
CA HIS A 84 12.67 -14.77 -2.58
C HIS A 84 12.14 -13.74 -3.56
N PHE A 85 12.84 -12.60 -3.71
CA PHE A 85 12.46 -11.53 -4.62
C PHE A 85 12.44 -12.02 -6.06
N ALA A 86 13.47 -12.82 -6.46
CA ALA A 86 13.59 -13.39 -7.80
C ALA A 86 12.46 -14.38 -8.09
N LEU A 87 12.15 -15.26 -7.10
CA LEU A 87 11.10 -16.27 -7.14
C LEU A 87 9.76 -15.58 -7.43
N SER A 88 9.45 -14.53 -6.65
CA SER A 88 8.23 -13.73 -6.79
C SER A 88 8.14 -13.12 -8.20
N ALA A 89 9.24 -12.47 -8.65
CA ALA A 89 9.32 -11.82 -9.96
C ALA A 89 8.99 -12.79 -11.10
N LYS A 90 9.66 -13.97 -11.12
CA LYS A 90 9.47 -15.03 -12.14
C LYS A 90 8.05 -15.58 -12.15
N ALA A 91 7.55 -15.98 -10.97
CA ALA A 91 6.24 -16.61 -10.80
C ALA A 91 5.04 -15.69 -11.05
N PHE A 92 5.09 -14.45 -10.59
CA PHE A 92 3.93 -13.56 -10.70
C PHE A 92 4.01 -12.60 -11.89
N GLY A 93 5.19 -12.50 -12.50
CA GLY A 93 5.37 -11.68 -13.68
C GLY A 93 5.44 -10.20 -13.45
N HIS A 94 6.25 -9.78 -12.48
CA HIS A 94 6.51 -8.37 -12.18
C HIS A 94 8.03 -8.14 -12.26
N ARG A 95 8.47 -6.87 -12.42
CA ARG A 95 9.90 -6.55 -12.42
C ARG A 95 10.46 -6.63 -10.99
N SER A 96 11.79 -6.64 -10.86
CA SER A 96 12.48 -6.75 -9.56
C SER A 96 12.00 -5.75 -8.49
N ILE A 97 11.60 -6.31 -7.32
CA ILE A 97 11.15 -5.56 -6.15
C ILE A 97 12.35 -5.28 -5.22
N ASP A 98 13.55 -5.71 -5.64
CA ASP A 98 14.80 -5.49 -4.90
C ASP A 98 15.14 -3.99 -4.99
N PRO A 99 15.24 -3.26 -3.83
CA PRO A 99 15.53 -1.82 -3.88
C PRO A 99 16.80 -1.46 -4.66
N MET A 100 17.78 -2.40 -4.70
CA MET A 100 19.03 -2.26 -5.44
C MET A 100 18.78 -2.14 -6.96
N ASP A 101 17.64 -2.67 -7.46
CA ASP A 101 17.27 -2.63 -8.88
C ASP A 101 16.53 -1.35 -9.30
N GLY A 102 16.23 -0.48 -8.33
CA GLY A 102 15.61 0.83 -8.54
C GLY A 102 14.19 0.93 -9.04
N ASN A 103 13.40 -0.16 -8.95
CA ASN A 103 11.99 -0.12 -9.37
C ASN A 103 11.11 0.37 -8.22
N THR A 104 11.58 0.20 -6.97
CA THR A 104 10.91 0.60 -5.71
C THR A 104 11.98 0.84 -4.60
N THR A 105 11.64 1.61 -3.57
CA THR A 105 12.53 1.88 -2.42
C THR A 105 11.86 1.39 -1.14
N GLU A 106 10.81 0.57 -1.32
CA GLU A 106 9.97 0.04 -0.27
C GLU A 106 10.62 -1.17 0.41
N ASN A 107 10.52 -1.21 1.76
CA ASN A 107 10.95 -2.36 2.53
C ASN A 107 9.64 -3.13 2.75
N ILE A 108 9.37 -4.10 1.88
CA ILE A 108 8.12 -4.89 1.95
C ILE A 108 7.97 -5.57 3.31
N ASN A 109 9.09 -5.96 3.94
CA ASN A 109 9.07 -6.56 5.27
C ASN A 109 8.48 -5.56 6.27
N ASP A 110 8.88 -4.28 6.17
CA ASP A 110 8.34 -3.25 7.05
C ASP A 110 6.84 -3.05 6.80
N THR A 111 6.39 -3.18 5.53
CA THR A 111 4.99 -3.06 5.09
C THR A 111 4.16 -4.13 5.78
N PHE A 112 4.62 -5.38 5.69
CA PHE A 112 3.95 -6.52 6.28
C PHE A 112 3.88 -6.45 7.80
N ILE A 113 5.01 -6.09 8.47
CA ILE A 113 5.05 -5.96 9.93
C ILE A 113 3.99 -4.95 10.39
N LYS A 114 4.01 -3.73 9.83
CA LYS A 114 3.07 -2.63 10.16
C LYS A 114 1.59 -2.98 10.03
N THR A 115 1.25 -3.93 9.11
CA THR A 115 -0.15 -4.21 8.76
C THR A 115 -0.67 -5.62 9.08
N LEU A 116 0.19 -6.53 9.53
CA LEU A 116 -0.24 -7.89 9.87
C LEU A 116 -0.07 -8.18 11.35
N GLN A 117 0.58 -7.25 12.03
CA GLN A 117 0.89 -7.38 13.43
C GLN A 117 0.43 -6.10 14.18
N GLY A 118 0.62 -6.10 15.50
CA GLY A 118 0.20 -5.03 16.38
C GLY A 118 -1.30 -4.79 16.35
N HIS A 119 -1.66 -3.51 16.19
CA HIS A 119 -3.01 -2.93 16.12
C HIS A 119 -3.74 -3.31 14.84
N ALA A 120 -3.04 -3.32 13.70
CA ALA A 120 -3.64 -3.65 12.41
C ALA A 120 -4.29 -5.03 12.44
N LEU A 121 -3.69 -5.94 13.24
CA LEU A 121 -4.14 -7.30 13.41
C LEU A 121 -5.53 -7.39 14.01
N ASN A 122 -5.91 -6.41 14.86
CA ASN A 122 -7.23 -6.42 15.49
C ASN A 122 -8.36 -6.34 14.47
N SER A 123 -8.35 -5.30 13.62
CA SER A 123 -9.39 -5.12 12.59
C SER A 123 -9.36 -6.26 11.58
N LEU A 124 -8.15 -6.74 11.25
CA LEU A 124 -7.97 -7.81 10.28
C LEU A 124 -8.66 -9.09 10.82
N THR A 125 -8.38 -9.42 12.10
CA THR A 125 -8.97 -10.55 12.81
C THR A 125 -10.51 -10.39 12.91
N GLU A 126 -10.99 -9.19 13.28
CA GLU A 126 -12.42 -8.83 13.40
C GLU A 126 -13.13 -8.99 12.06
N SER A 127 -12.47 -8.59 10.95
CA SER A 127 -12.99 -8.68 9.58
C SER A 127 -13.14 -10.12 9.11
N MET A 128 -12.13 -10.97 9.40
CA MET A 128 -12.15 -12.39 9.04
C MET A 128 -13.33 -13.14 9.68
N MET A 129 -13.61 -12.85 10.97
CA MET A 129 -14.71 -13.44 11.73
C MET A 129 -16.07 -13.05 11.11
N GLU A 130 -16.22 -11.77 10.69
CA GLU A 130 -17.45 -11.28 10.07
C GLU A 130 -17.66 -11.96 8.71
N ASN A 131 -16.59 -11.98 7.87
CA ASN A 131 -16.61 -12.58 6.55
C ASN A 131 -16.89 -14.08 6.62
N LEU A 132 -16.23 -14.83 7.54
CA LEU A 132 -16.46 -16.28 7.67
C LEU A 132 -17.92 -16.60 7.98
N GLN A 133 -18.50 -15.89 8.97
CA GLN A 133 -19.89 -16.03 9.39
C GLN A 133 -20.87 -15.70 8.26
N ARG A 134 -20.57 -14.68 7.42
CA ARG A 134 -21.41 -14.31 6.27
C ARG A 134 -21.49 -15.48 5.28
N ILE A 135 -20.34 -16.12 5.01
CA ILE A 135 -20.22 -17.23 4.08
C ILE A 135 -20.79 -18.54 4.67
N MET A 136 -20.49 -18.85 5.94
CA MET A 136 -20.88 -20.11 6.57
C MET A 136 -22.34 -20.24 7.03
N ARG A 137 -23.07 -19.15 7.34
CA ARG A 137 -24.46 -19.27 7.85
C ARG A 137 -25.46 -19.80 6.81
N THR A 146 -36.36 -28.17 8.71
CA THR A 146 -35.79 -29.49 8.49
C THR A 146 -34.33 -29.38 8.09
N ALA A 147 -33.42 -29.90 8.94
CA ALA A 147 -31.97 -29.86 8.70
C ALA A 147 -31.52 -31.13 7.99
N ALA A 148 -30.78 -30.97 6.88
CA ALA A 148 -30.29 -32.08 6.06
C ALA A 148 -28.76 -32.16 5.96
N TRP A 149 -28.24 -33.40 5.86
CA TRP A 149 -26.81 -33.71 5.74
C TRP A 149 -26.32 -33.38 4.35
N VAL A 150 -25.25 -32.56 4.27
CA VAL A 150 -24.64 -32.18 2.99
C VAL A 150 -23.28 -32.89 2.88
N THR A 151 -23.11 -33.72 1.84
CA THR A 151 -21.86 -34.44 1.60
C THR A 151 -21.03 -33.63 0.60
N GLU A 152 -19.74 -33.42 0.93
CA GLU A 152 -18.81 -32.66 0.11
C GLU A 152 -17.38 -33.09 0.39
N GLY A 153 -16.48 -32.72 -0.52
CA GLY A 153 -15.05 -32.95 -0.36
C GLY A 153 -14.55 -31.93 0.64
N MET A 154 -13.87 -32.41 1.71
CA MET A 154 -13.37 -31.59 2.81
C MET A 154 -12.43 -30.48 2.33
N TYR A 155 -11.49 -30.82 1.44
CA TYR A 155 -10.55 -29.84 0.87
C TYR A 155 -11.30 -28.86 0.00
N SER A 156 -12.23 -29.36 -0.83
CA SER A 156 -13.07 -28.53 -1.69
C SER A 156 -13.84 -27.50 -0.85
N PHE A 157 -14.39 -27.95 0.30
CA PHE A 157 -15.14 -27.14 1.27
C PHE A 157 -14.27 -26.05 1.86
N CYS A 158 -13.10 -26.43 2.42
CA CYS A 158 -12.13 -25.51 3.02
C CYS A 158 -11.66 -24.46 2.04
N TYR A 159 -11.47 -24.84 0.76
CA TYR A 159 -11.07 -23.94 -0.32
C TYR A 159 -12.16 -22.89 -0.52
N ARG A 160 -13.43 -23.31 -0.78
CA ARG A 160 -14.59 -22.41 -0.97
C ARG A 160 -14.63 -21.33 0.12
N VAL A 161 -14.70 -21.80 1.38
CA VAL A 161 -14.88 -21.01 2.59
C VAL A 161 -13.67 -20.11 2.87
N MET A 162 -12.48 -20.70 2.98
CA MET A 162 -11.29 -19.92 3.31
C MET A 162 -10.89 -18.94 2.22
N PHE A 163 -11.10 -19.31 0.94
CA PHE A 163 -10.72 -18.42 -0.16
C PHE A 163 -11.60 -17.18 -0.16
N GLU A 164 -12.93 -17.35 -0.19
CA GLU A 164 -13.87 -16.23 -0.20
C GLU A 164 -13.67 -15.31 1.01
N ALA A 165 -13.56 -15.89 2.22
CA ALA A 165 -13.35 -15.11 3.43
C ALA A 165 -12.02 -14.35 3.42
N GLY A 166 -10.93 -15.05 3.05
CA GLY A 166 -9.60 -14.48 2.93
C GLY A 166 -9.55 -13.35 1.92
N TYR A 167 -10.18 -13.56 0.75
CA TYR A 167 -10.22 -12.56 -0.32
C TYR A 167 -10.89 -11.28 0.13
N LEU A 168 -12.06 -11.40 0.80
CA LEU A 168 -12.85 -10.26 1.25
C LEU A 168 -12.18 -9.52 2.40
N THR A 169 -11.44 -10.25 3.27
CA THR A 169 -10.74 -9.66 4.42
C THR A 169 -9.54 -8.84 3.94
N ILE A 170 -8.76 -9.38 2.99
CA ILE A 170 -7.56 -8.74 2.45
C ILE A 170 -7.90 -7.66 1.41
N PHE A 171 -8.82 -7.96 0.45
CA PHE A 171 -9.14 -7.05 -0.64
C PHE A 171 -10.46 -6.32 -0.52
N GLY A 172 -11.13 -6.45 0.61
CA GLY A 172 -12.41 -5.78 0.81
C GLY A 172 -13.57 -6.43 0.07
N ARG A 173 -14.76 -5.79 0.18
CA ARG A 173 -16.00 -6.27 -0.39
C ARG A 173 -16.56 -5.35 -1.46
N ASP A 174 -17.10 -5.95 -2.51
CA ASP A 174 -17.79 -5.21 -3.55
C ASP A 174 -19.25 -5.22 -3.10
N LEU A 175 -19.75 -4.08 -2.60
CA LEU A 175 -21.11 -4.04 -2.05
C LEU A 175 -22.19 -3.56 -3.08
N THR A 176 -22.07 -4.08 -4.34
CA THR A 176 -23.00 -3.80 -5.45
C THR A 176 -23.92 -5.00 -5.72
N GLN A 181 -23.56 -11.18 -8.36
CA GLN A 181 -22.13 -10.97 -8.14
C GLN A 181 -21.41 -12.23 -7.60
N LYS A 182 -22.20 -13.28 -7.26
CA LYS A 182 -21.76 -14.57 -6.72
C LYS A 182 -20.80 -15.31 -7.68
N ALA A 183 -21.07 -15.22 -8.99
CA ALA A 183 -20.27 -15.81 -10.07
C ALA A 183 -18.84 -15.27 -10.08
N HIS A 184 -18.65 -13.97 -9.74
CA HIS A 184 -17.32 -13.34 -9.71
C HIS A 184 -16.41 -13.94 -8.65
N ILE A 185 -16.98 -14.27 -7.47
CA ILE A 185 -16.23 -14.91 -6.39
C ILE A 185 -15.79 -16.31 -6.86
N LEU A 186 -16.73 -17.05 -7.51
CA LEU A 186 -16.56 -18.39 -8.09
C LEU A 186 -15.49 -18.40 -9.20
N ASN A 187 -15.39 -17.28 -9.97
CA ASN A 187 -14.44 -17.10 -11.06
C ASN A 187 -13.04 -16.89 -10.52
N ASN A 188 -12.89 -16.00 -9.52
CA ASN A 188 -11.62 -15.76 -8.84
C ASN A 188 -11.12 -17.02 -8.19
N LEU A 189 -12.04 -17.79 -7.53
CA LEU A 189 -11.75 -19.08 -6.91
C LEU A 189 -11.13 -20.03 -7.92
N ASP A 190 -11.82 -20.24 -9.06
CA ASP A 190 -11.38 -21.13 -10.12
C ASP A 190 -10.06 -20.69 -10.72
N ASN A 191 -9.92 -19.37 -11.02
CA ASN A 191 -8.68 -18.80 -11.57
C ASN A 191 -7.49 -19.08 -10.66
N PHE A 192 -7.68 -18.87 -9.35
CA PHE A 192 -6.63 -19.11 -8.38
C PHE A 192 -6.19 -20.59 -8.38
N LYS A 193 -7.16 -21.53 -8.45
CA LYS A 193 -6.88 -22.97 -8.49
C LYS A 193 -6.03 -23.30 -9.73
N GLN A 194 -6.38 -22.71 -10.89
CA GLN A 194 -5.67 -22.93 -12.16
C GLN A 194 -4.25 -22.38 -12.15
N PHE A 195 -4.05 -21.19 -11.54
CA PHE A 195 -2.73 -20.58 -11.45
C PHE A 195 -1.86 -21.34 -10.44
N ASP A 196 -2.37 -21.57 -9.22
CA ASP A 196 -1.68 -22.26 -8.14
C ASP A 196 -1.24 -23.70 -8.52
N LYS A 197 -1.98 -24.34 -9.43
CA LYS A 197 -1.74 -25.69 -9.95
C LYS A 197 -0.34 -25.82 -10.62
N VAL A 198 0.12 -24.76 -11.31
CA VAL A 198 1.40 -24.82 -12.03
C VAL A 198 2.53 -24.10 -11.26
N PHE A 199 2.22 -23.55 -10.08
CA PHE A 199 3.19 -22.83 -9.25
C PHE A 199 4.51 -23.60 -9.04
N PRO A 200 4.54 -24.91 -8.67
CA PRO A 200 5.82 -25.63 -8.60
C PRO A 200 6.66 -25.54 -9.88
N ALA A 201 6.02 -25.62 -11.08
CA ALA A 201 6.69 -25.50 -12.37
C ALA A 201 7.26 -24.09 -12.61
N LEU A 202 6.52 -23.04 -12.18
CA LEU A 202 6.95 -21.66 -12.32
C LEU A 202 8.20 -21.37 -11.49
N VAL A 203 8.26 -21.91 -10.25
CA VAL A 203 9.41 -21.78 -9.34
C VAL A 203 10.63 -22.49 -9.97
N ALA A 204 10.39 -23.67 -10.57
CA ALA A 204 11.41 -24.47 -11.24
C ALA A 204 12.06 -23.72 -12.42
N GLY A 205 11.34 -22.78 -13.03
CA GLY A 205 11.86 -21.98 -14.14
C GLY A 205 11.10 -22.12 -15.44
N LEU A 206 10.03 -22.94 -15.46
CA LEU A 206 9.22 -23.14 -16.65
C LEU A 206 8.39 -21.87 -16.92
N PRO A 207 8.27 -21.41 -18.18
CA PRO A 207 7.48 -20.20 -18.44
C PRO A 207 5.97 -20.42 -18.34
N ILE A 208 5.22 -19.43 -17.76
CA ILE A 208 3.75 -19.52 -17.62
C ILE A 208 3.07 -19.63 -19.01
N HIS A 209 3.69 -19.11 -20.08
CA HIS A 209 3.21 -19.13 -21.48
C HIS A 209 2.84 -20.56 -21.93
N MET A 210 3.64 -21.54 -21.49
CA MET A 210 3.55 -22.99 -21.68
C MET A 210 2.23 -23.57 -21.15
N PHE A 211 1.65 -22.94 -20.12
CA PHE A 211 0.40 -23.34 -19.47
C PHE A 211 -0.66 -22.29 -19.80
N ARG A 212 -1.37 -22.46 -20.95
CA ARG A 212 -2.37 -21.50 -21.46
C ARG A 212 -3.45 -21.19 -20.42
N THR A 213 -4.14 -22.23 -19.90
CA THR A 213 -5.19 -22.13 -18.87
C THR A 213 -4.69 -21.32 -17.66
N ALA A 214 -3.52 -21.69 -17.11
CA ALA A 214 -2.90 -21.03 -15.96
C ALA A 214 -2.45 -19.59 -16.29
N HIS A 215 -2.03 -19.34 -17.55
CA HIS A 215 -1.59 -18.03 -17.98
C HIS A 215 -2.75 -17.05 -17.97
N ASN A 216 -3.89 -17.46 -18.60
CA ASN A 216 -5.13 -16.69 -18.67
C ASN A 216 -5.66 -16.42 -17.27
N ALA A 217 -5.59 -17.46 -16.41
CA ALA A 217 -6.04 -17.42 -15.03
C ALA A 217 -5.29 -16.35 -14.26
N ARG A 218 -3.94 -16.35 -14.37
CA ARG A 218 -3.09 -15.39 -13.68
C ARG A 218 -3.40 -13.96 -14.11
N GLU A 219 -3.65 -13.76 -15.42
CA GLU A 219 -3.94 -12.43 -15.94
C GLU A 219 -5.32 -11.94 -15.53
N LYS A 220 -6.30 -12.85 -15.44
CA LYS A 220 -7.65 -12.56 -14.98
C LYS A 220 -7.60 -12.17 -13.49
N LEU A 221 -6.81 -12.88 -12.67
CA LEU A 221 -6.63 -12.55 -11.26
C LEU A 221 -6.03 -11.16 -11.11
N ALA A 222 -4.98 -10.88 -11.89
CA ALA A 222 -4.25 -9.61 -11.89
C ALA A 222 -5.16 -8.43 -12.26
N GLU A 223 -6.01 -8.60 -13.30
CA GLU A 223 -6.95 -7.58 -13.77
C GLU A 223 -7.88 -7.10 -12.65
N SER A 224 -8.48 -8.04 -11.92
CA SER A 224 -9.42 -7.72 -10.84
C SER A 224 -8.75 -7.06 -9.62
N LEU A 225 -7.39 -7.13 -9.53
CA LEU A 225 -6.57 -6.53 -8.46
C LEU A 225 -5.88 -5.21 -8.93
N ARG A 226 -6.32 -4.63 -10.07
CA ARG A 226 -5.80 -3.34 -10.52
C ARG A 226 -6.33 -2.28 -9.53
N HIS A 227 -5.52 -1.24 -9.22
CA HIS A 227 -5.90 -0.15 -8.30
C HIS A 227 -7.28 0.45 -8.61
N GLU A 228 -7.63 0.58 -9.91
CA GLU A 228 -8.93 1.11 -10.34
C GLU A 228 -10.11 0.24 -9.87
N ASN A 229 -9.89 -1.09 -9.76
CA ASN A 229 -10.89 -2.05 -9.31
C ASN A 229 -10.92 -2.16 -7.77
N LEU A 230 -9.74 -2.09 -7.14
CA LEU A 230 -9.59 -2.17 -5.69
C LEU A 230 -10.23 -0.97 -4.96
N GLN A 231 -10.05 0.26 -5.50
CA GLN A 231 -10.58 1.49 -4.89
C GLN A 231 -12.13 1.51 -4.79
N LYS A 232 -12.81 0.69 -5.64
CA LYS A 232 -14.26 0.56 -5.69
C LYS A 232 -14.80 -0.39 -4.60
N ARG A 233 -13.91 -0.95 -3.76
CA ARG A 233 -14.27 -1.93 -2.72
C ARG A 233 -14.25 -1.36 -1.30
N GLU A 234 -15.20 -1.87 -0.47
CA GLU A 234 -15.41 -1.53 0.94
C GLU A 234 -14.57 -2.41 1.85
N SER A 235 -14.14 -1.86 3.01
CA SER A 235 -13.38 -2.56 4.06
C SER A 235 -12.11 -3.26 3.56
N ILE A 236 -11.26 -2.52 2.82
CA ILE A 236 -9.98 -3.07 2.33
C ILE A 236 -9.09 -3.18 3.55
N SER A 237 -8.20 -4.19 3.59
CA SER A 237 -7.24 -4.35 4.67
C SER A 237 -6.24 -3.19 4.67
N GLU A 238 -5.74 -2.84 5.86
CA GLU A 238 -4.72 -1.80 6.03
C GLU A 238 -3.48 -2.19 5.20
N LEU A 239 -3.24 -3.51 5.00
CA LEU A 239 -2.15 -4.07 4.20
C LEU A 239 -2.25 -3.62 2.77
N ILE A 240 -3.35 -3.93 2.09
CA ILE A 240 -3.52 -3.60 0.68
C ILE A 240 -3.64 -2.08 0.50
N SER A 241 -4.35 -1.39 1.42
CA SER A 241 -4.42 0.06 1.26
C SER A 241 -3.00 0.69 1.42
N LEU A 242 -2.15 0.14 2.32
CA LEU A 242 -0.76 0.63 2.44
C LEU A 242 0.05 0.27 1.20
N ARG A 243 -0.08 -0.99 0.75
CA ARG A 243 0.57 -1.54 -0.45
C ARG A 243 0.20 -0.76 -1.72
N MET A 244 -1.05 -0.22 -1.81
CA MET A 244 -1.48 0.58 -2.95
C MET A 244 -0.79 1.93 -2.90
N PHE A 245 -0.80 2.54 -1.72
CA PHE A 245 -0.20 3.84 -1.47
C PHE A 245 1.31 3.82 -1.77
N LEU A 246 2.03 2.78 -1.27
CA LEU A 246 3.47 2.63 -1.48
C LEU A 246 3.82 2.32 -2.95
N ASN A 247 2.91 1.62 -3.67
CA ASN A 247 3.06 1.34 -5.10
C ASN A 247 3.10 2.66 -5.88
N ASP A 248 2.30 3.66 -5.45
CA ASP A 248 2.20 4.96 -6.10
C ASP A 248 3.28 5.95 -5.65
N THR A 249 3.66 5.93 -4.37
CA THR A 249 4.62 6.83 -3.73
C THR A 249 6.09 6.41 -3.93
N LEU A 250 6.41 5.12 -3.74
CA LEU A 250 7.78 4.62 -3.77
C LEU A 250 8.16 3.71 -4.97
N SER A 251 7.25 3.49 -5.92
CA SER A 251 7.58 2.66 -7.08
C SER A 251 7.32 3.35 -8.42
N THR A 252 7.96 2.81 -9.49
CA THR A 252 7.80 3.27 -10.87
C THR A 252 7.21 2.11 -11.72
N PHE A 253 6.44 1.21 -11.06
CA PHE A 253 5.77 0.09 -11.70
C PHE A 253 4.59 0.57 -12.55
N ASP A 254 4.25 -0.16 -13.61
CA ASP A 254 3.08 0.16 -14.41
C ASP A 254 1.82 -0.44 -13.73
N ASP A 255 0.62 -0.03 -14.20
CA ASP A 255 -0.68 -0.44 -13.66
C ASP A 255 -0.81 -1.95 -13.45
N LEU A 256 -0.43 -2.76 -14.46
CA LEU A 256 -0.51 -4.21 -14.38
C LEU A 256 0.53 -4.79 -13.40
N GLU A 257 1.75 -4.21 -13.35
CA GLU A 257 2.79 -4.67 -12.42
C GLU A 257 2.32 -4.48 -10.97
N LYS A 258 1.67 -3.33 -10.70
CA LYS A 258 1.12 -2.99 -9.39
C LYS A 258 0.08 -4.05 -9.03
N ALA A 259 -0.78 -4.40 -9.98
CA ALA A 259 -1.82 -5.42 -9.83
C ALA A 259 -1.20 -6.78 -9.51
N LYS A 260 -0.06 -7.10 -10.16
CA LYS A 260 0.66 -8.34 -9.90
C LYS A 260 1.32 -8.38 -8.52
N THR A 261 1.67 -7.21 -7.92
CA THR A 261 2.21 -7.18 -6.54
C THR A 261 1.12 -7.53 -5.53
N HIS A 262 -0.14 -7.24 -5.87
CA HIS A 262 -1.28 -7.61 -5.02
C HIS A 262 -1.60 -9.09 -5.19
N LEU A 263 -1.30 -9.67 -6.37
CA LEU A 263 -1.48 -11.12 -6.62
C LEU A 263 -0.48 -11.94 -5.80
N VAL A 264 0.76 -11.42 -5.62
CA VAL A 264 1.77 -12.04 -4.75
C VAL A 264 1.17 -12.19 -3.34
N VAL A 265 0.60 -11.07 -2.79
CA VAL A 265 -0.02 -11.03 -1.47
C VAL A 265 -1.24 -11.98 -1.39
N LEU A 266 -2.07 -12.03 -2.46
CA LEU A 266 -3.22 -12.95 -2.49
C LEU A 266 -2.74 -14.40 -2.33
N TRP A 267 -1.79 -14.83 -3.19
CA TRP A 267 -1.17 -16.15 -3.16
C TRP A 267 -0.61 -16.44 -1.75
N ALA A 268 0.24 -15.54 -1.23
CA ALA A 268 0.85 -15.63 0.12
C ALA A 268 -0.19 -15.87 1.24
N SER A 269 -1.34 -15.17 1.18
CA SER A 269 -2.41 -15.26 2.16
C SER A 269 -3.32 -16.50 2.02
N GLN A 270 -3.31 -17.19 0.83
CA GLN A 270 -4.19 -18.33 0.54
C GLN A 270 -3.52 -19.68 0.40
N ALA A 271 -2.40 -19.76 -0.33
CA ALA A 271 -1.68 -20.98 -0.70
C ALA A 271 -1.33 -21.91 0.44
N ASN A 272 -1.05 -21.39 1.66
CA ASN A 272 -0.69 -22.23 2.79
C ASN A 272 -1.82 -22.37 3.80
N THR A 273 -2.67 -21.32 3.92
CA THR A 273 -3.83 -21.31 4.82
C THR A 273 -4.80 -22.43 4.42
N ILE A 274 -5.13 -22.57 3.12
CA ILE A 274 -6.09 -23.57 2.66
C ILE A 274 -5.63 -24.98 3.06
N PRO A 275 -4.46 -25.53 2.67
CA PRO A 275 -4.10 -26.87 3.15
C PRO A 275 -3.95 -26.92 4.66
N ALA A 276 -3.52 -25.81 5.31
CA ALA A 276 -3.39 -25.76 6.77
C ALA A 276 -4.75 -25.94 7.45
N THR A 277 -5.79 -25.32 6.86
CA THR A 277 -7.16 -25.40 7.37
C THR A 277 -7.69 -26.82 7.18
N PHE A 278 -7.45 -27.43 6.00
CA PHE A 278 -7.89 -28.80 5.67
C PHE A 278 -7.40 -29.80 6.68
N TRP A 279 -6.07 -29.80 6.94
CA TRP A 279 -5.44 -30.73 7.85
C TRP A 279 -5.91 -30.56 9.28
N SER A 280 -6.06 -29.31 9.75
CA SER A 280 -6.58 -29.03 11.08
C SER A 280 -7.99 -29.58 11.26
N LEU A 281 -8.89 -29.31 10.27
CA LEU A 281 -10.28 -29.80 10.29
C LEU A 281 -10.33 -31.31 10.23
N PHE A 282 -9.55 -31.91 9.30
CA PHE A 282 -9.47 -33.35 9.09
C PHE A 282 -9.03 -34.08 10.34
N GLN A 283 -7.87 -33.69 10.89
CA GLN A 283 -7.29 -34.34 12.06
C GLN A 283 -8.18 -34.26 13.29
N MET A 284 -8.91 -33.15 13.44
CA MET A 284 -9.81 -32.93 14.56
C MET A 284 -11.02 -33.88 14.51
N ILE A 285 -11.60 -34.07 13.31
CA ILE A 285 -12.76 -34.96 13.11
C ILE A 285 -12.30 -36.44 13.15
N ARG A 286 -11.19 -36.78 12.45
CA ARG A 286 -10.58 -38.12 12.38
C ARG A 286 -10.32 -38.72 13.77
N ASN A 287 -9.94 -37.88 14.75
CA ASN A 287 -9.64 -38.31 16.12
C ASN A 287 -10.77 -37.89 17.09
N PRO A 288 -11.55 -38.87 17.62
CA PRO A 288 -12.65 -38.53 18.55
C PRO A 288 -12.20 -37.82 19.83
N GLU A 289 -10.99 -38.16 20.30
CA GLU A 289 -10.36 -37.56 21.49
C GLU A 289 -10.11 -36.06 21.24
N ALA A 290 -9.59 -35.70 20.03
CA ALA A 290 -9.30 -34.32 19.63
C ALA A 290 -10.59 -33.53 19.47
N MET A 291 -11.61 -34.15 18.86
CA MET A 291 -12.91 -33.53 18.62
C MET A 291 -13.59 -33.17 19.95
N LYS A 292 -13.65 -34.13 20.90
CA LYS A 292 -14.29 -33.94 22.21
C LYS A 292 -13.65 -32.79 22.98
N ALA A 293 -12.30 -32.72 23.00
CA ALA A 293 -11.54 -31.69 23.72
C ALA A 293 -11.76 -30.30 23.14
N ALA A 294 -11.70 -30.19 21.79
CA ALA A 294 -11.89 -28.96 21.03
C ALA A 294 -13.30 -28.41 21.18
N THR A 295 -14.33 -29.31 21.16
CA THR A 295 -15.76 -28.98 21.31
C THR A 295 -15.98 -28.34 22.66
N GLU A 296 -15.41 -28.96 23.73
CA GLU A 296 -15.52 -28.49 25.11
C GLU A 296 -14.84 -27.12 25.27
N GLU A 297 -13.65 -26.96 24.65
CA GLU A 297 -12.88 -25.71 24.70
C GLU A 297 -13.66 -24.56 24.08
N VAL A 298 -14.19 -24.77 22.86
CA VAL A 298 -14.96 -23.77 22.12
C VAL A 298 -16.26 -23.45 22.88
N LYS A 299 -16.95 -24.49 23.43
CA LYS A 299 -18.17 -24.31 24.23
C LYS A 299 -17.89 -23.43 25.46
N ARG A 300 -16.76 -23.70 26.15
CA ARG A 300 -16.29 -22.99 27.35
C ARG A 300 -15.94 -21.53 27.04
N THR A 301 -15.15 -21.31 25.96
CA THR A 301 -14.68 -20.00 25.52
C THR A 301 -15.84 -19.10 25.14
N LEU A 302 -16.80 -19.63 24.36
CA LEU A 302 -17.94 -18.83 23.92
C LEU A 302 -18.83 -18.45 25.09
N GLU A 303 -19.03 -19.37 26.06
CA GLU A 303 -19.83 -19.11 27.26
C GLU A 303 -19.24 -17.96 28.06
N ASN A 304 -17.91 -18.03 28.32
CA ASN A 304 -17.19 -17.01 29.11
C ASN A 304 -17.12 -15.65 28.42
N ALA A 305 -17.19 -15.61 27.09
CA ALA A 305 -17.15 -14.37 26.29
C ALA A 305 -18.57 -13.81 26.08
N GLY A 306 -19.58 -14.51 26.60
CA GLY A 306 -20.99 -14.14 26.47
C GLY A 306 -21.48 -14.15 25.04
N GLN A 307 -20.97 -15.10 24.23
CA GLN A 307 -21.32 -15.26 22.83
C GLN A 307 -22.26 -16.43 22.63
N LYS A 308 -23.40 -16.16 21.99
CA LYS A 308 -24.41 -17.16 21.70
C LYS A 308 -24.39 -17.45 20.21
N VAL A 309 -24.34 -18.74 19.86
CA VAL A 309 -24.32 -19.18 18.46
C VAL A 309 -25.76 -19.28 17.95
N SER A 310 -26.14 -18.34 17.06
CA SER A 310 -27.47 -18.25 16.45
C SER A 310 -27.30 -17.78 15.01
N LEU A 311 -27.81 -18.58 14.05
CA LEU A 311 -27.68 -18.32 12.61
C LEU A 311 -28.48 -17.09 12.15
N GLU A 312 -29.67 -16.83 12.75
CA GLU A 312 -30.53 -15.70 12.37
C GLU A 312 -30.20 -14.40 13.12
N GLY A 313 -29.67 -14.50 14.35
CA GLY A 313 -29.33 -13.36 15.19
C GLY A 313 -28.08 -12.59 14.78
N ASN A 314 -27.39 -12.01 15.78
CA ASN A 314 -26.17 -11.23 15.58
C ASN A 314 -24.89 -12.09 15.57
N PRO A 315 -23.84 -11.67 14.80
CA PRO A 315 -22.60 -12.46 14.73
C PRO A 315 -21.82 -12.52 16.03
N ILE A 316 -21.05 -13.62 16.22
CA ILE A 316 -20.21 -13.79 17.41
C ILE A 316 -18.98 -12.89 17.25
N CYS A 317 -18.40 -12.50 18.38
CA CYS A 317 -17.23 -11.65 18.45
C CYS A 317 -16.27 -12.24 19.44
N LEU A 318 -15.02 -12.41 19.02
CA LEU A 318 -13.99 -12.89 19.93
C LEU A 318 -12.79 -11.98 19.85
N SER A 319 -12.20 -11.66 20.99
CA SER A 319 -11.04 -10.79 21.00
C SER A 319 -9.77 -11.61 20.71
N GLN A 320 -8.65 -10.92 20.40
CA GLN A 320 -7.35 -11.56 20.16
C GLN A 320 -6.96 -12.32 21.40
N ALA A 321 -7.18 -11.73 22.60
CA ALA A 321 -6.88 -12.35 23.89
C ALA A 321 -7.64 -13.66 24.05
N GLU A 322 -8.95 -13.67 23.69
CA GLU A 322 -9.83 -14.84 23.77
C GLU A 322 -9.38 -15.94 22.81
N LEU A 323 -8.98 -15.55 21.60
CA LEU A 323 -8.48 -16.47 20.59
C LEU A 323 -7.12 -17.07 20.94
N ASN A 324 -6.22 -16.25 21.50
CA ASN A 324 -4.88 -16.66 21.86
C ASN A 324 -4.86 -17.61 23.08
N ASP A 325 -5.98 -17.72 23.82
CA ASP A 325 -6.12 -18.60 24.98
C ASP A 325 -6.99 -19.83 24.62
N LEU A 326 -6.61 -20.50 23.52
CA LEU A 326 -7.23 -21.72 23.03
C LEU A 326 -6.09 -22.76 22.88
N PRO A 327 -5.54 -23.27 24.01
CA PRO A 327 -4.40 -24.21 23.92
C PRO A 327 -4.66 -25.51 23.15
N VAL A 328 -5.88 -26.09 23.26
CA VAL A 328 -6.27 -27.33 22.56
C VAL A 328 -6.25 -27.07 21.06
N LEU A 329 -6.93 -26.01 20.59
CA LEU A 329 -6.95 -25.64 19.17
C LEU A 329 -5.55 -25.34 18.67
N ASP A 330 -4.75 -24.58 19.46
CA ASP A 330 -3.35 -24.29 19.10
C ASP A 330 -2.56 -25.59 18.89
N SER A 331 -2.75 -26.57 19.80
CA SER A 331 -2.08 -27.87 19.74
C SER A 331 -2.48 -28.63 18.47
N ILE A 332 -3.80 -28.65 18.14
CA ILE A 332 -4.35 -29.30 16.95
C ILE A 332 -3.74 -28.69 15.67
N ILE A 333 -3.70 -27.33 15.58
CA ILE A 333 -3.11 -26.64 14.41
C ILE A 333 -1.62 -26.97 14.29
N LYS A 334 -0.86 -26.81 15.39
CA LYS A 334 0.58 -27.11 15.45
C LYS A 334 0.89 -28.54 15.01
N GLU A 335 0.13 -29.53 15.54
CA GLU A 335 0.31 -30.95 15.20
C GLU A 335 -0.09 -31.23 13.74
N SER A 336 -1.08 -30.48 13.22
CA SER A 336 -1.50 -30.60 11.81
C SER A 336 -0.39 -30.08 10.92
N LEU A 337 0.22 -28.95 11.30
CA LEU A 337 1.31 -28.34 10.53
C LEU A 337 2.61 -29.15 10.65
N ARG A 338 2.89 -29.75 11.83
CA ARG A 338 4.07 -30.57 12.08
C ARG A 338 4.16 -31.70 11.06
N LEU A 339 3.02 -32.33 10.77
CA LEU A 339 2.93 -33.43 9.82
C LEU A 339 2.89 -33.01 8.36
N SER A 340 2.39 -31.81 8.04
CA SER A 340 2.21 -31.39 6.63
C SER A 340 3.20 -30.34 6.10
N SER A 341 3.92 -29.61 6.97
CA SER A 341 4.89 -28.59 6.55
C SER A 341 6.07 -29.18 5.77
N ALA A 342 6.37 -28.58 4.61
CA ALA A 342 7.51 -28.94 3.78
C ALA A 342 8.15 -27.68 3.18
N SER A 343 8.46 -26.72 4.06
CA SER A 343 9.12 -25.50 3.73
C SER A 343 10.63 -25.72 3.49
N LEU A 344 11.24 -24.78 2.77
CA LEU A 344 12.66 -24.75 2.43
C LEU A 344 13.17 -23.41 2.94
N ASN A 345 13.88 -23.41 4.08
CA ASN A 345 14.43 -22.21 4.69
C ASN A 345 15.74 -21.91 4.00
N ILE A 346 15.79 -20.84 3.22
CA ILE A 346 16.93 -20.48 2.40
C ILE A 346 17.53 -19.11 2.75
N ARG A 347 18.86 -19.03 2.63
CA ARG A 347 19.69 -17.82 2.71
C ARG A 347 20.89 -18.03 1.78
N THR A 348 21.40 -16.94 1.21
CA THR A 348 22.49 -16.97 0.25
C THR A 348 23.74 -16.35 0.86
N ALA A 349 24.93 -16.86 0.49
CA ALA A 349 26.20 -16.34 0.96
C ALA A 349 26.56 -15.07 0.17
N LYS A 350 26.72 -13.94 0.89
CA LYS A 350 27.06 -12.63 0.32
C LYS A 350 28.51 -12.63 -0.22
N GLU A 351 29.41 -13.35 0.48
CA GLU A 351 30.82 -13.50 0.14
C GLU A 351 31.30 -14.87 0.63
N ASP A 352 32.55 -15.25 0.28
CA ASP A 352 33.16 -16.51 0.72
C ASP A 352 33.39 -16.39 2.23
N PHE A 353 32.97 -17.42 3.00
CA PHE A 353 33.14 -17.43 4.45
C PHE A 353 33.14 -18.86 5.02
N THR A 354 33.45 -19.00 6.32
CA THR A 354 33.46 -20.27 7.02
C THR A 354 32.28 -20.33 8.00
N LEU A 355 31.47 -21.38 7.90
CA LEU A 355 30.31 -21.60 8.77
C LEU A 355 30.73 -22.51 9.91
N HIS A 356 30.51 -22.06 11.16
CA HIS A 356 30.87 -22.83 12.35
C HIS A 356 29.63 -23.50 12.94
N LEU A 357 29.58 -24.84 12.86
CA LEU A 357 28.48 -25.68 13.33
C LEU A 357 28.92 -26.71 14.38
N GLU A 358 27.94 -27.34 15.05
CA GLU A 358 28.14 -28.39 16.07
C GLU A 358 28.88 -29.61 15.51
N ASP A 359 28.63 -29.92 14.21
CA ASP A 359 29.21 -31.04 13.46
C ASP A 359 30.62 -30.72 12.97
N GLY A 360 30.92 -29.43 12.83
CA GLY A 360 32.21 -28.92 12.39
C GLY A 360 32.17 -27.57 11.71
N SER A 361 33.32 -27.17 11.14
CA SER A 361 33.48 -25.93 10.39
C SER A 361 33.50 -26.27 8.90
N TYR A 362 32.73 -25.54 8.09
CA TYR A 362 32.63 -25.80 6.67
C TYR A 362 32.82 -24.54 5.83
N ASN A 363 33.61 -24.63 4.76
CA ASN A 363 33.84 -23.50 3.88
C ASN A 363 32.71 -23.36 2.85
N ILE A 364 32.17 -22.15 2.73
CA ILE A 364 31.07 -21.84 1.82
C ILE A 364 31.50 -20.71 0.88
N ARG A 365 31.25 -20.90 -0.43
CA ARG A 365 31.58 -19.94 -1.48
C ARG A 365 30.51 -18.85 -1.62
N LYS A 366 30.84 -17.76 -2.34
CA LYS A 366 29.92 -16.65 -2.61
C LYS A 366 28.78 -17.14 -3.49
N ASP A 367 27.56 -16.60 -3.26
CA ASP A 367 26.29 -16.86 -3.97
C ASP A 367 25.74 -18.29 -3.78
N ASP A 368 26.36 -19.11 -2.87
CA ASP A 368 25.91 -20.44 -2.53
C ASP A 368 24.66 -20.35 -1.66
N ILE A 369 23.81 -21.37 -1.68
CA ILE A 369 22.61 -21.38 -0.85
C ILE A 369 22.86 -22.24 0.41
N ILE A 370 22.43 -21.73 1.59
CA ILE A 370 22.48 -22.44 2.87
C ILE A 370 21.01 -22.73 3.21
N ALA A 371 20.60 -24.01 3.17
CA ALA A 371 19.20 -24.37 3.34
C ALA A 371 18.89 -25.31 4.49
N LEU A 372 17.63 -25.26 4.97
CA LEU A 372 17.06 -26.12 6.01
C LEU A 372 15.77 -26.71 5.42
N TYR A 373 15.54 -28.01 5.64
CA TYR A 373 14.31 -28.69 5.26
C TYR A 373 13.76 -29.17 6.61
N PRO A 374 13.03 -28.27 7.34
CA PRO A 374 12.60 -28.60 8.72
C PRO A 374 11.61 -29.77 8.87
N GLN A 375 11.14 -30.36 7.76
CA GLN A 375 10.29 -31.56 7.83
C GLN A 375 11.15 -32.72 8.42
N LEU A 376 12.50 -32.64 8.28
CA LEU A 376 13.45 -33.59 8.84
C LEU A 376 13.40 -33.51 10.35
N MET A 377 13.11 -32.31 10.88
CA MET A 377 13.05 -32.12 12.32
C MET A 377 11.63 -32.44 12.87
N HIS A 378 10.57 -31.95 12.19
CA HIS A 378 9.18 -32.18 12.62
C HIS A 378 8.83 -33.68 12.74
N LEU A 379 9.44 -34.53 11.87
CA LEU A 379 9.22 -35.98 11.82
C LEU A 379 10.39 -36.78 12.44
N ASP A 380 11.24 -36.11 13.25
CA ASP A 380 12.38 -36.74 13.90
C ASP A 380 11.88 -37.50 15.14
N PRO A 381 12.10 -38.84 15.19
CA PRO A 381 11.62 -39.62 16.35
C PRO A 381 12.36 -39.31 17.64
N GLU A 382 13.60 -38.79 17.56
CA GLU A 382 14.42 -38.42 18.72
C GLU A 382 13.83 -37.19 19.42
N ILE A 383 13.12 -36.30 18.66
CA ILE A 383 12.45 -35.09 19.17
C ILE A 383 10.96 -35.37 19.43
N TYR A 384 10.26 -35.99 18.45
CA TYR A 384 8.83 -36.32 18.57
C TYR A 384 8.59 -37.84 18.52
N PRO A 385 8.41 -38.52 19.69
CA PRO A 385 8.17 -39.98 19.69
C PRO A 385 6.88 -40.32 18.95
N ASP A 386 6.90 -41.42 18.14
CA ASP A 386 5.83 -41.84 17.20
C ASP A 386 5.61 -40.61 16.29
N PRO A 387 6.62 -40.25 15.46
CA PRO A 387 6.51 -38.98 14.69
C PRO A 387 5.46 -38.91 13.60
N LEU A 388 5.04 -40.05 13.05
CA LEU A 388 4.07 -40.08 11.96
C LEU A 388 2.62 -40.16 12.45
N THR A 389 2.42 -40.20 13.79
CA THR A 389 1.10 -40.26 14.39
C THR A 389 0.65 -38.87 14.84
N PHE A 390 -0.63 -38.53 14.59
CA PHE A 390 -1.21 -37.28 15.04
C PHE A 390 -1.60 -37.45 16.52
N LYS A 391 -0.93 -36.72 17.42
CA LYS A 391 -1.23 -36.70 18.86
C LYS A 391 -1.70 -35.27 19.12
N TYR A 392 -3.02 -35.08 19.31
CA TYR A 392 -3.67 -33.77 19.43
C TYR A 392 -3.11 -32.89 20.57
N ASP A 393 -2.65 -33.54 21.65
CA ASP A 393 -2.12 -32.87 22.82
C ASP A 393 -0.58 -32.82 22.82
N ARG A 394 0.07 -32.94 21.63
CA ARG A 394 1.52 -32.94 21.55
C ARG A 394 2.15 -31.65 22.04
N TYR A 395 1.45 -30.52 21.89
CA TYR A 395 1.94 -29.21 22.32
C TYR A 395 1.20 -28.74 23.58
N LEU A 396 0.87 -29.71 24.46
CA LEU A 396 0.22 -29.48 25.75
C LEU A 396 0.94 -30.23 26.86
N ASP A 397 0.93 -29.67 28.08
CA ASP A 397 1.51 -30.28 29.28
C ASP A 397 0.42 -31.08 30.04
N GLU A 398 0.71 -31.50 31.30
CA GLU A 398 -0.21 -32.25 32.16
C GLU A 398 -1.48 -31.44 32.50
N ASN A 399 -1.30 -30.13 32.78
CA ASN A 399 -2.35 -29.18 33.15
C ASN A 399 -3.17 -28.71 31.93
N GLY A 400 -2.60 -28.82 30.73
CA GLY A 400 -3.26 -28.42 29.50
C GLY A 400 -2.84 -27.05 28.98
N LYS A 401 -1.65 -26.59 29.37
CA LYS A 401 -1.07 -25.33 28.92
C LYS A 401 -0.03 -25.63 27.80
N THR A 402 0.20 -24.68 26.89
CA THR A 402 1.14 -24.85 25.79
C THR A 402 2.51 -25.33 26.28
N LYS A 403 2.98 -26.46 25.72
CA LYS A 403 4.28 -27.07 26.01
C LYS A 403 5.27 -26.48 25.00
N THR A 404 6.35 -25.84 25.49
CA THR A 404 7.38 -25.18 24.67
C THR A 404 8.76 -25.83 24.84
N THR A 405 8.84 -26.93 25.61
CA THR A 405 10.13 -27.56 25.89
C THR A 405 10.24 -28.88 25.16
N PHE A 406 11.15 -28.91 24.20
CA PHE A 406 11.41 -30.06 23.37
C PHE A 406 12.92 -30.30 23.34
N TYR A 407 13.33 -31.56 23.48
CA TYR A 407 14.76 -31.85 23.51
C TYR A 407 15.22 -32.66 22.31
N CYS A 408 16.53 -32.65 22.09
CA CYS A 408 17.21 -33.39 21.05
C CYS A 408 18.55 -33.81 21.60
N ASN A 409 18.75 -35.12 21.82
CA ASN A 409 19.99 -35.69 22.37
C ASN A 409 20.49 -34.91 23.63
N GLY A 410 19.58 -34.66 24.57
CA GLY A 410 19.89 -33.98 25.82
C GLY A 410 19.74 -32.48 25.79
N LEU A 411 20.16 -31.81 24.70
CA LEU A 411 20.03 -30.35 24.63
C LEU A 411 18.61 -29.91 24.37
N LYS A 412 18.19 -28.83 25.06
CA LYS A 412 16.90 -28.18 24.88
C LYS A 412 16.98 -27.39 23.57
N LEU A 413 15.98 -27.56 22.71
CA LEU A 413 15.92 -26.95 21.39
C LEU A 413 15.29 -25.56 21.39
N LYS A 414 15.97 -24.59 20.76
CA LYS A 414 15.43 -23.23 20.58
C LYS A 414 14.39 -23.26 19.44
N TYR A 415 14.71 -23.97 18.32
CA TYR A 415 13.86 -24.13 17.14
C TYR A 415 13.42 -25.59 17.04
N TYR A 416 12.13 -25.86 17.32
CA TYR A 416 11.55 -27.21 17.32
C TYR A 416 10.32 -27.32 16.41
N TYR A 417 9.65 -26.18 16.17
CA TYR A 417 8.45 -26.06 15.33
C TYR A 417 8.64 -24.82 14.42
N MET A 418 8.76 -25.07 13.11
CA MET A 418 9.09 -24.07 12.08
C MET A 418 8.20 -24.06 10.80
N PRO A 419 6.87 -24.31 10.83
CA PRO A 419 6.10 -24.26 9.57
C PRO A 419 6.07 -22.87 8.92
N PHE A 420 6.17 -21.79 9.73
CA PHE A 420 6.19 -20.40 9.30
C PHE A 420 7.63 -19.88 9.16
N GLY A 421 8.61 -20.77 9.35
CA GLY A 421 10.01 -20.39 9.36
C GLY A 421 10.36 -19.84 10.71
N SER A 422 11.48 -19.11 10.78
CA SER A 422 12.02 -18.50 12.00
C SER A 422 13.06 -17.44 11.63
N GLY A 423 13.43 -16.65 12.63
CA GLY A 423 14.39 -15.56 12.49
C GLY A 423 13.88 -14.44 11.61
N ALA A 424 14.71 -13.98 10.65
CA ALA A 424 14.33 -12.92 9.73
C ALA A 424 13.43 -13.52 8.62
N THR A 425 13.67 -14.81 8.29
CA THR A 425 12.92 -15.61 7.31
C THR A 425 11.67 -16.22 7.98
N ILE A 426 10.81 -15.36 8.57
CA ILE A 426 9.59 -15.79 9.21
C ILE A 426 8.38 -15.16 8.53
N CYS A 427 7.31 -15.94 8.40
CA CYS A 427 6.06 -15.49 7.83
C CYS A 427 5.51 -14.30 8.64
N PRO A 428 5.27 -13.10 8.04
CA PRO A 428 4.68 -11.98 8.82
C PRO A 428 3.19 -12.19 9.12
N GLY A 429 2.55 -13.05 8.32
CA GLY A 429 1.13 -13.34 8.45
C GLY A 429 0.78 -14.45 9.44
N ARG A 430 1.78 -14.98 10.21
CA ARG A 430 1.63 -16.11 11.15
C ARG A 430 0.54 -15.90 12.21
N LEU A 431 0.49 -14.74 12.85
CA LEU A 431 -0.50 -14.51 13.89
C LEU A 431 -1.91 -14.53 13.29
N PHE A 432 -2.12 -13.85 12.14
CA PHE A 432 -3.40 -13.84 11.41
C PHE A 432 -3.76 -15.27 10.95
N ALA A 433 -2.78 -15.99 10.33
CA ALA A 433 -2.92 -17.38 9.87
C ALA A 433 -3.51 -18.26 10.99
N ILE A 434 -2.92 -18.22 12.21
CA ILE A 434 -3.40 -19.02 13.34
C ILE A 434 -4.80 -18.54 13.79
N HIS A 435 -5.03 -17.21 13.81
CA HIS A 435 -6.34 -16.67 14.18
C HIS A 435 -7.45 -17.16 13.22
N GLU A 436 -7.23 -17.04 11.89
CA GLU A 436 -8.23 -17.43 10.90
C GLU A 436 -8.52 -18.93 10.93
N ILE A 437 -7.50 -19.80 11.15
CA ILE A 437 -7.74 -21.24 11.27
C ILE A 437 -8.63 -21.46 12.51
N LYS A 438 -8.25 -20.87 13.66
CA LYS A 438 -9.02 -20.96 14.91
C LYS A 438 -10.47 -20.55 14.69
N GLN A 439 -10.70 -19.39 14.05
CA GLN A 439 -12.03 -18.87 13.73
C GLN A 439 -12.84 -19.87 12.88
N PHE A 440 -12.22 -20.48 11.85
CA PHE A 440 -12.88 -21.48 11.01
C PHE A 440 -13.34 -22.69 11.86
N LEU A 441 -12.42 -23.25 12.69
CA LEU A 441 -12.68 -24.38 13.59
C LEU A 441 -13.78 -24.05 14.63
N ILE A 442 -13.72 -22.85 15.27
CA ILE A 442 -14.72 -22.40 16.25
C ILE A 442 -16.11 -22.41 15.61
N LEU A 443 -16.24 -21.77 14.42
CA LEU A 443 -17.50 -21.68 13.69
C LEU A 443 -17.99 -23.05 13.18
N MET A 444 -17.07 -23.90 12.70
CA MET A 444 -17.42 -25.26 12.24
C MET A 444 -18.00 -26.11 13.37
N LEU A 445 -17.39 -26.06 14.58
CA LEU A 445 -17.85 -26.78 15.76
C LEU A 445 -19.19 -26.25 16.26
N SER A 446 -19.38 -24.92 16.21
CA SER A 446 -20.58 -24.22 16.68
C SER A 446 -21.79 -24.31 15.75
N TYR A 447 -21.55 -24.37 14.42
CA TYR A 447 -22.63 -24.39 13.45
C TYR A 447 -23.13 -25.77 13.07
N PHE A 448 -22.18 -26.71 12.84
CA PHE A 448 -22.51 -28.02 12.30
C PHE A 448 -22.18 -29.23 13.16
N GLU A 449 -22.88 -30.34 12.84
CA GLU A 449 -22.63 -31.69 13.36
C GLU A 449 -21.74 -32.25 12.24
N LEU A 450 -20.53 -32.69 12.58
CA LEU A 450 -19.57 -33.14 11.59
C LEU A 450 -19.24 -34.61 11.70
N GLU A 451 -19.08 -35.26 10.54
CA GLU A 451 -18.77 -36.69 10.40
C GLU A 451 -18.06 -36.97 9.06
N LEU A 452 -17.34 -38.08 9.02
CA LEU A 452 -16.64 -38.52 7.81
C LEU A 452 -17.43 -39.67 7.16
N ILE A 453 -17.33 -39.81 5.82
CA ILE A 453 -17.96 -40.87 5.03
C ILE A 453 -17.41 -42.23 5.47
N GLU A 454 -16.08 -42.28 5.75
CA GLU A 454 -15.34 -43.44 6.23
C GLU A 454 -14.35 -42.98 7.34
N GLY A 455 -14.78 -43.13 8.60
CA GLY A 455 -14.03 -42.75 9.79
C GLY A 455 -12.75 -43.55 9.99
N GLN A 456 -12.78 -44.85 9.56
CA GLN A 456 -11.66 -45.80 9.64
C GLN A 456 -10.80 -45.81 8.34
N ALA A 457 -10.91 -44.73 7.53
CA ALA A 457 -10.13 -44.58 6.29
C ALA A 457 -8.75 -44.00 6.56
N LYS A 458 -7.76 -44.47 5.77
CA LYS A 458 -6.36 -44.05 5.84
C LYS A 458 -6.20 -42.55 5.65
N CYS A 459 -5.21 -41.99 6.34
CA CYS A 459 -4.87 -40.58 6.23
C CYS A 459 -4.32 -40.38 4.81
N PRO A 460 -4.85 -39.39 4.03
CA PRO A 460 -4.39 -39.23 2.64
C PRO A 460 -2.90 -38.95 2.52
N PRO A 461 -2.23 -39.47 1.47
CA PRO A 461 -0.80 -39.18 1.31
C PRO A 461 -0.61 -37.71 0.91
N LEU A 462 0.50 -37.12 1.37
CA LEU A 462 0.86 -35.73 1.08
C LEU A 462 1.30 -35.58 -0.39
N ASP A 463 0.79 -34.54 -1.06
CA ASP A 463 1.16 -34.25 -2.45
C ASP A 463 2.55 -33.58 -2.42
N GLN A 464 3.61 -34.38 -2.66
CA GLN A 464 5.01 -33.92 -2.60
C GLN A 464 5.39 -32.92 -3.70
N SER A 465 4.54 -32.72 -4.74
CA SER A 465 4.84 -31.77 -5.83
C SER A 465 4.94 -30.31 -5.31
N ARG A 466 4.44 -30.09 -4.10
CA ARG A 466 4.43 -28.77 -3.50
C ARG A 466 5.55 -28.59 -2.44
N ALA A 467 6.54 -29.52 -2.43
CA ALA A 467 7.68 -29.46 -1.52
C ALA A 467 8.49 -28.18 -1.72
N GLY A 468 8.81 -27.53 -0.60
CA GLY A 468 9.54 -26.28 -0.57
C GLY A 468 8.62 -25.07 -0.62
N LEU A 469 7.32 -25.25 -0.94
CA LEU A 469 6.35 -24.15 -1.08
C LEU A 469 5.47 -23.93 0.14
N GLY A 470 5.72 -24.68 1.22
CA GLY A 470 4.97 -24.56 2.47
C GLY A 470 4.24 -25.84 2.86
N ILE A 471 2.96 -25.71 3.26
CA ILE A 471 2.13 -26.85 3.68
C ILE A 471 1.78 -27.72 2.50
N LEU A 472 2.01 -29.04 2.60
CA LEU A 472 1.67 -29.98 1.53
C LEU A 472 0.16 -30.32 1.58
N PRO A 473 -0.58 -30.19 0.46
CA PRO A 473 -2.00 -30.57 0.49
C PRO A 473 -2.17 -32.10 0.38
N PRO A 474 -3.38 -32.66 0.63
CA PRO A 474 -3.53 -34.11 0.41
C PRO A 474 -3.51 -34.39 -1.09
N LEU A 475 -3.04 -35.59 -1.49
CA LEU A 475 -3.01 -35.98 -2.89
C LEU A 475 -4.43 -36.17 -3.44
N ASN A 476 -5.32 -36.77 -2.63
CA ASN A 476 -6.73 -36.97 -2.95
C ASN A 476 -7.58 -36.43 -1.82
N ASP A 477 -8.73 -35.82 -2.16
CA ASP A 477 -9.66 -35.24 -1.19
C ASP A 477 -10.48 -36.36 -0.53
N ILE A 478 -10.91 -36.11 0.71
CA ILE A 478 -11.69 -37.01 1.55
C ILE A 478 -13.09 -36.41 1.72
N GLU A 479 -14.14 -37.24 1.51
CA GLU A 479 -15.51 -36.78 1.64
C GLU A 479 -15.91 -36.72 3.11
N PHE A 480 -16.78 -35.75 3.44
CA PHE A 480 -17.31 -35.53 4.78
C PHE A 480 -18.75 -35.00 4.71
N LYS A 481 -19.48 -35.09 5.81
CA LYS A 481 -20.87 -34.63 5.90
C LYS A 481 -21.06 -33.59 7.01
N TYR A 482 -21.92 -32.60 6.75
CA TYR A 482 -22.25 -31.53 7.68
C TYR A 482 -23.74 -31.23 7.65
N LYS A 483 -24.29 -30.87 8.81
CA LYS A 483 -25.70 -30.55 8.99
C LYS A 483 -25.77 -29.48 10.05
N PHE A 484 -26.35 -28.32 9.69
CA PHE A 484 -26.53 -27.17 10.59
C PHE A 484 -27.28 -27.63 11.88
N LYS A 485 -26.95 -27.03 13.04
CA LYS A 485 -27.52 -27.39 14.36
C LYS A 485 -28.78 -26.57 14.70
N HIS A 486 -29.76 -27.20 15.39
CA HIS A 486 -31.00 -26.56 15.83
C HIS A 486 -30.88 -25.96 17.23
N ARG B 8 29.72 30.73 -16.16
CA ARG B 8 29.38 29.38 -16.57
C ARG B 8 29.18 29.30 -18.09
N ARG B 9 29.80 28.28 -18.73
CA ARG B 9 29.71 28.05 -20.17
C ARG B 9 29.41 26.59 -20.48
N ARG B 10 28.69 26.34 -21.59
CA ARG B 10 28.29 25.01 -22.07
C ARG B 10 29.53 24.14 -22.37
N GLN B 11 29.49 22.85 -21.94
CA GLN B 11 30.58 21.90 -22.14
C GLN B 11 30.11 20.70 -23.01
N THR B 12 30.97 19.67 -23.17
CA THR B 12 30.68 18.47 -23.99
C THR B 12 29.48 17.70 -23.44
N GLY B 13 28.49 17.45 -24.30
CA GLY B 13 27.27 16.71 -23.96
C GLY B 13 26.19 17.52 -23.27
N GLU B 14 26.59 18.61 -22.55
CA GLU B 14 25.73 19.52 -21.80
C GLU B 14 24.62 20.14 -22.67
N PRO B 15 23.38 20.33 -22.13
CA PRO B 15 22.31 20.92 -22.95
C PRO B 15 22.54 22.39 -23.34
N PRO B 16 21.89 22.91 -24.42
CA PRO B 16 22.05 24.34 -24.75
C PRO B 16 21.74 25.24 -23.56
N LEU B 17 22.76 26.02 -23.12
CA LEU B 17 22.70 26.90 -21.97
C LEU B 17 22.10 28.25 -22.34
N GLU B 18 21.25 28.77 -21.46
CA GLU B 18 20.62 30.08 -21.59
C GLU B 18 20.90 30.83 -20.29
N ASN B 19 22.03 31.56 -20.26
CA ASN B 19 22.49 32.32 -19.09
C ASN B 19 21.61 33.55 -18.75
N GLY B 20 20.91 34.08 -19.75
CA GLY B 20 20.05 35.25 -19.57
C GLY B 20 20.79 36.56 -19.80
N LEU B 21 20.27 37.66 -19.23
CA LEU B 21 20.87 38.99 -19.41
C LEU B 21 21.20 39.70 -18.08
N ILE B 22 20.28 39.65 -17.09
CA ILE B 22 20.48 40.27 -15.77
C ILE B 22 21.36 39.34 -14.91
N PRO B 23 22.39 39.83 -14.16
CA PRO B 23 23.18 38.93 -13.32
C PRO B 23 22.36 38.32 -12.18
N TYR B 24 22.74 37.10 -11.72
CA TYR B 24 22.05 36.29 -10.70
C TYR B 24 20.71 35.76 -11.24
N LEU B 25 19.73 36.68 -11.47
CA LEU B 25 18.38 36.40 -11.95
C LEU B 25 18.39 35.60 -13.26
N GLY B 26 19.19 36.07 -14.23
CA GLY B 26 19.34 35.44 -15.54
C GLY B 26 18.11 35.60 -16.40
N CYS B 27 17.33 34.52 -16.50
CA CYS B 27 16.09 34.47 -17.29
C CYS B 27 14.84 34.72 -16.42
N ALA B 28 15.01 34.80 -15.07
CA ALA B 28 13.97 34.98 -14.04
C ALA B 28 12.84 35.93 -14.45
N LEU B 29 13.17 37.11 -14.97
CA LEU B 29 12.24 38.13 -15.44
C LEU B 29 11.46 37.64 -16.67
N GLN B 30 12.17 37.15 -17.72
CA GLN B 30 11.60 36.63 -18.97
C GLN B 30 10.66 35.45 -18.72
N PHE B 31 11.13 34.45 -17.95
CA PHE B 31 10.37 33.28 -17.54
C PHE B 31 9.17 33.70 -16.67
N GLY B 32 9.39 34.62 -15.74
CA GLY B 32 8.35 35.11 -14.84
C GLY B 32 7.21 35.78 -15.57
N ALA B 33 7.55 36.61 -16.57
CA ALA B 33 6.64 37.38 -17.44
C ALA B 33 5.57 36.53 -18.14
N ASN B 34 5.93 35.31 -18.58
CA ASN B 34 5.03 34.34 -19.22
C ASN B 34 5.70 32.97 -19.14
N PRO B 35 5.50 32.22 -18.02
CA PRO B 35 6.22 30.94 -17.84
C PRO B 35 6.00 29.91 -18.96
N LEU B 36 4.76 29.75 -19.44
CA LEU B 36 4.44 28.78 -20.48
C LEU B 36 5.01 29.16 -21.85
N GLU B 37 4.92 30.46 -22.20
CA GLU B 37 5.40 30.91 -23.50
C GLU B 37 6.92 31.06 -23.55
N PHE B 38 7.58 31.34 -22.41
CA PHE B 38 9.03 31.42 -22.35
C PHE B 38 9.64 30.04 -22.65
N LEU B 39 9.06 28.97 -22.01
CA LEU B 39 9.52 27.59 -22.21
C LEU B 39 9.22 27.12 -23.62
N ARG B 40 8.03 27.48 -24.16
CA ARG B 40 7.63 27.15 -25.53
C ARG B 40 8.55 27.82 -26.56
N ALA B 41 9.02 29.04 -26.27
CA ALA B 41 9.95 29.77 -27.15
C ALA B 41 11.33 29.09 -27.11
N ASN B 42 11.75 28.63 -25.92
CA ASN B 42 13.02 27.93 -25.75
C ASN B 42 12.98 26.54 -26.38
N GLN B 43 11.78 25.92 -26.41
CA GLN B 43 11.49 24.62 -27.03
C GLN B 43 11.72 24.69 -28.54
N ARG B 44 11.29 25.81 -29.18
CA ARG B 44 11.44 26.05 -30.61
C ARG B 44 12.92 26.34 -30.97
N LYS B 45 13.59 27.18 -30.17
CA LYS B 45 14.98 27.61 -30.32
C LYS B 45 16.02 26.52 -29.97
N HIS B 46 15.74 25.63 -28.97
CA HIS B 46 16.72 24.64 -28.50
C HIS B 46 16.27 23.17 -28.44
N GLY B 47 15.03 22.89 -28.81
CA GLY B 47 14.53 21.52 -28.73
C GLY B 47 13.93 21.22 -27.37
N HIS B 48 13.79 19.92 -27.07
CA HIS B 48 13.16 19.42 -25.85
C HIS B 48 14.01 19.50 -24.56
N VAL B 49 15.34 19.71 -24.66
CA VAL B 49 16.22 19.80 -23.49
C VAL B 49 17.09 21.08 -23.58
N PHE B 50 16.98 21.97 -22.57
CA PHE B 50 17.71 23.25 -22.48
C PHE B 50 17.91 23.69 -21.01
N THR B 51 19.01 24.39 -20.73
CA THR B 51 19.34 24.86 -19.38
C THR B 51 19.09 26.37 -19.28
N CYS B 52 18.61 26.83 -18.10
CA CYS B 52 18.33 28.23 -17.81
C CYS B 52 18.91 28.66 -16.46
N LYS B 53 19.56 29.83 -16.42
CA LYS B 53 20.10 30.43 -15.19
C LYS B 53 18.93 31.20 -14.63
N LEU B 54 18.30 30.63 -13.60
CA LEU B 54 17.16 31.26 -12.96
C LEU B 54 17.50 31.48 -11.51
N MET B 55 17.81 32.74 -11.14
CA MET B 55 18.13 33.16 -9.78
C MET B 55 19.18 32.27 -9.10
N GLY B 56 20.41 32.36 -9.62
CA GLY B 56 21.58 31.64 -9.12
C GLY B 56 21.67 30.21 -9.60
N LYS B 57 20.57 29.45 -9.45
CA LYS B 57 20.50 28.06 -9.83
C LYS B 57 20.47 27.88 -11.37
N TYR B 58 21.02 26.73 -11.84
CA TYR B 58 21.05 26.34 -13.26
C TYR B 58 20.06 25.19 -13.47
N VAL B 59 18.93 25.49 -14.11
CA VAL B 59 17.77 24.61 -14.32
C VAL B 59 17.74 23.97 -15.72
N HIS B 60 17.74 22.64 -15.74
CA HIS B 60 17.63 21.88 -16.99
C HIS B 60 16.14 21.50 -17.14
N PHE B 61 15.49 21.99 -18.21
CA PHE B 61 14.08 21.69 -18.44
C PHE B 61 13.91 20.54 -19.42
N ILE B 62 13.17 19.52 -19.01
CA ILE B 62 12.85 18.36 -19.82
C ILE B 62 11.42 18.61 -20.30
N THR B 63 11.25 18.84 -21.61
CA THR B 63 9.95 19.20 -22.17
C THR B 63 9.27 18.09 -22.99
N ASN B 64 10.04 17.08 -23.47
CA ASN B 64 9.47 15.94 -24.20
C ASN B 64 8.61 15.09 -23.22
N PRO B 65 7.26 14.96 -23.44
CA PRO B 65 6.44 14.16 -22.50
C PRO B 65 6.88 12.70 -22.39
N LEU B 66 7.49 12.18 -23.49
CA LEU B 66 8.00 10.83 -23.59
C LEU B 66 9.31 10.63 -22.79
N SER B 67 9.86 11.72 -22.19
CA SER B 67 11.10 11.69 -21.40
C SER B 67 10.89 11.82 -19.88
N TYR B 68 9.67 12.20 -19.48
CA TYR B 68 9.27 12.42 -18.10
C TYR B 68 9.62 11.23 -17.19
N HIS B 69 9.45 10.00 -17.70
CA HIS B 69 9.70 8.73 -17.01
C HIS B 69 11.16 8.56 -16.52
N LYS B 70 12.16 8.99 -17.33
CA LYS B 70 13.59 8.89 -17.02
C LYS B 70 14.03 9.88 -15.92
N VAL B 71 13.19 10.90 -15.66
CA VAL B 71 13.43 11.95 -14.67
C VAL B 71 12.70 11.63 -13.35
N LEU B 72 11.42 11.20 -13.43
CA LEU B 72 10.57 10.87 -12.28
C LEU B 72 10.96 9.56 -11.56
N CYS B 73 11.93 8.81 -12.13
CA CYS B 73 12.39 7.54 -11.58
C CYS B 73 13.21 7.78 -10.30
N HIS B 74 13.29 6.75 -9.42
CA HIS B 74 14.07 6.83 -8.18
C HIS B 74 15.55 6.53 -8.50
N GLY B 75 16.26 7.58 -8.91
CA GLY B 75 17.66 7.52 -9.30
C GLY B 75 18.62 7.80 -8.16
N LYS B 76 19.81 7.19 -8.21
CA LYS B 76 20.87 7.36 -7.21
C LYS B 76 21.51 8.75 -7.29
N TYR B 77 21.34 9.46 -8.43
CA TYR B 77 21.91 10.79 -8.63
C TYR B 77 20.97 11.95 -8.24
N PHE B 78 19.67 11.67 -8.01
CA PHE B 78 18.70 12.71 -7.65
C PHE B 78 18.51 12.90 -6.15
N ASP B 79 18.29 14.16 -5.75
CA ASP B 79 17.92 14.54 -4.40
C ASP B 79 16.61 15.32 -4.56
N TRP B 80 15.56 14.86 -3.89
CA TRP B 80 14.24 15.49 -4.05
C TRP B 80 13.67 16.06 -2.74
N LYS B 81 14.52 16.21 -1.71
CA LYS B 81 14.07 16.74 -0.42
C LYS B 81 14.71 18.09 -0.07
N LYS B 82 16.02 18.23 -0.30
CA LYS B 82 16.86 19.40 0.03
C LYS B 82 16.27 20.75 -0.40
N PHE B 83 15.77 20.85 -1.65
CA PHE B 83 15.19 22.09 -2.16
C PHE B 83 13.87 22.41 -1.45
N HIS B 84 12.98 21.39 -1.31
CA HIS B 84 11.68 21.46 -0.65
C HIS B 84 11.82 21.85 0.81
N PHE B 85 12.75 21.21 1.53
CA PHE B 85 13.01 21.49 2.95
C PHE B 85 13.44 22.94 3.16
N ALA B 86 14.34 23.44 2.28
CA ALA B 86 14.87 24.80 2.32
C ALA B 86 13.74 25.83 2.06
N LEU B 87 12.91 25.55 1.04
CA LEU B 87 11.75 26.37 0.64
C LEU B 87 10.83 26.55 1.84
N SER B 88 10.47 25.43 2.49
CA SER B 88 9.61 25.41 3.68
C SER B 88 10.22 26.25 4.81
N ALA B 89 11.51 26.03 5.10
CA ALA B 89 12.25 26.73 6.16
C ALA B 89 12.20 28.26 5.96
N LYS B 90 12.54 28.74 4.74
CA LYS B 90 12.54 30.17 4.37
C LYS B 90 11.17 30.81 4.46
N ALA B 91 10.16 30.18 3.83
CA ALA B 91 8.79 30.67 3.74
C ALA B 91 8.03 30.66 5.07
N PHE B 92 8.16 29.61 5.88
CA PHE B 92 7.37 29.50 7.11
C PHE B 92 8.12 29.95 8.37
N GLY B 93 9.44 30.12 8.26
CA GLY B 93 10.25 30.62 9.36
C GLY B 93 10.52 29.62 10.46
N HIS B 94 10.94 28.42 10.09
CA HIS B 94 11.34 27.37 11.04
C HIS B 94 12.75 26.93 10.68
N ARG B 95 13.47 26.30 11.64
CA ARG B 95 14.84 25.82 11.35
C ARG B 95 14.75 24.55 10.47
N SER B 96 15.89 24.14 9.88
CA SER B 96 15.96 22.99 8.99
C SER B 96 15.34 21.70 9.57
N ILE B 97 14.42 21.12 8.80
CA ILE B 97 13.71 19.86 9.09
C ILE B 97 14.48 18.69 8.44
N ASP B 98 15.63 19.00 7.80
CA ASP B 98 16.51 18.00 7.20
C ASP B 98 17.20 17.22 8.35
N PRO B 99 17.00 15.87 8.44
CA PRO B 99 17.62 15.10 9.55
C PRO B 99 19.14 15.27 9.64
N MET B 100 19.81 15.57 8.51
CA MET B 100 21.25 15.84 8.42
C MET B 100 21.64 17.08 9.24
N ASP B 101 20.70 18.01 9.46
CA ASP B 101 20.93 19.25 10.22
C ASP B 101 20.74 19.09 11.76
N GLY B 102 20.30 17.90 12.19
CA GLY B 102 20.15 17.54 13.59
C GLY B 102 19.09 18.21 14.46
N ASN B 103 18.11 18.88 13.86
CA ASN B 103 17.02 19.53 14.62
C ASN B 103 15.90 18.51 14.93
N THR B 104 15.80 17.45 14.09
CA THR B 104 14.84 16.34 14.17
C THR B 104 15.42 15.08 13.49
N THR B 105 14.87 13.90 13.83
CA THR B 105 15.27 12.62 13.22
C THR B 105 14.05 11.98 12.54
N GLU B 106 13.01 12.80 12.35
CA GLU B 106 11.74 12.43 11.77
C GLU B 106 11.80 12.36 10.25
N ASN B 107 11.19 11.32 9.68
CA ASN B 107 11.05 11.19 8.24
C ASN B 107 9.63 11.68 8.01
N ILE B 108 9.48 12.99 7.66
CA ILE B 108 8.16 13.59 7.44
C ILE B 108 7.35 12.83 6.38
N ASN B 109 8.04 12.26 5.37
CA ASN B 109 7.39 11.44 4.35
C ASN B 109 6.72 10.23 5.00
N ASP B 110 7.41 9.58 5.98
CA ASP B 110 6.85 8.45 6.71
C ASP B 110 5.60 8.90 7.53
N THR B 111 5.65 10.14 8.07
CA THR B 111 4.56 10.75 8.85
C THR B 111 3.31 10.91 7.97
N PHE B 112 3.50 11.48 6.78
CA PHE B 112 2.42 11.71 5.82
C PHE B 112 1.82 10.39 5.29
N ILE B 113 2.67 9.40 4.96
CA ILE B 113 2.22 8.08 4.49
C ILE B 113 1.31 7.43 5.56
N LYS B 114 1.77 7.32 6.80
CA LYS B 114 1.05 6.73 7.92
C LYS B 114 -0.33 7.36 8.22
N THR B 115 -0.51 8.66 7.89
CA THR B 115 -1.70 9.40 8.28
C THR B 115 -2.58 9.93 7.15
N LEU B 116 -2.17 9.77 5.89
CA LEU B 116 -2.94 10.25 4.75
C LEU B 116 -3.45 9.09 3.88
N GLN B 117 -3.43 7.85 4.40
CA GLN B 117 -4.01 6.66 3.73
C GLN B 117 -4.66 5.72 4.78
N GLY B 118 -5.20 4.56 4.35
CA GLY B 118 -5.85 3.56 5.19
C GLY B 118 -6.89 4.10 6.15
N HIS B 119 -6.86 3.62 7.41
CA HIS B 119 -7.75 4.01 8.51
C HIS B 119 -7.67 5.53 8.83
N ALA B 120 -6.45 6.12 8.78
CA ALA B 120 -6.26 7.56 9.05
C ALA B 120 -6.98 8.40 7.99
N LEU B 121 -6.96 7.93 6.72
CA LEU B 121 -7.71 8.56 5.65
C LEU B 121 -9.23 8.36 5.83
N ASN B 122 -9.69 7.20 6.32
CA ASN B 122 -11.13 6.99 6.56
C ASN B 122 -11.68 8.05 7.51
N SER B 123 -11.09 8.20 8.70
CA SER B 123 -11.59 9.18 9.65
C SER B 123 -11.45 10.60 9.14
N LEU B 124 -10.34 10.90 8.40
CA LEU B 124 -10.05 12.22 7.81
C LEU B 124 -11.15 12.59 6.80
N THR B 125 -11.57 11.60 5.96
CA THR B 125 -12.65 11.70 4.98
C THR B 125 -14.02 11.87 5.69
N GLU B 126 -14.29 11.03 6.71
CA GLU B 126 -15.54 11.04 7.50
C GLU B 126 -15.72 12.38 8.20
N SER B 127 -14.62 12.93 8.73
CA SER B 127 -14.59 14.22 9.44
C SER B 127 -14.86 15.40 8.50
N MET B 128 -14.27 15.40 7.28
CA MET B 128 -14.46 16.45 6.27
C MET B 128 -15.94 16.56 5.87
N MET B 129 -16.62 15.41 5.69
CA MET B 129 -18.04 15.36 5.32
C MET B 129 -18.91 15.96 6.43
N GLU B 130 -18.61 15.66 7.72
CA GLU B 130 -19.34 16.20 8.87
C GLU B 130 -19.14 17.71 8.97
N ASN B 131 -17.87 18.16 8.88
CA ASN B 131 -17.49 19.56 8.94
C ASN B 131 -18.11 20.37 7.79
N LEU B 132 -18.06 19.87 6.53
CA LEU B 132 -18.64 20.56 5.38
C LEU B 132 -20.13 20.82 5.57
N GLN B 133 -20.88 19.78 5.98
CA GLN B 133 -22.31 19.83 6.23
C GLN B 133 -22.65 20.81 7.38
N ARG B 134 -21.80 20.90 8.44
CA ARG B 134 -22.00 21.84 9.55
C ARG B 134 -21.95 23.27 9.04
N ILE B 135 -20.96 23.55 8.17
CA ILE B 135 -20.73 24.87 7.58
C ILE B 135 -21.76 25.22 6.50
N MET B 136 -22.08 24.28 5.60
CA MET B 136 -22.96 24.53 4.46
C MET B 136 -24.47 24.56 4.80
N ARG B 137 -24.88 24.03 5.97
CA ARG B 137 -26.28 24.07 6.43
C ARG B 137 -26.62 25.40 7.06
N ALA B 148 -34.30 31.96 -0.05
CA ALA B 148 -33.95 33.13 -0.86
C ALA B 148 -32.59 32.98 -1.56
N TRP B 149 -32.44 33.60 -2.76
CA TRP B 149 -31.21 33.58 -3.56
C TRP B 149 -30.11 34.47 -2.97
N VAL B 150 -28.93 33.88 -2.76
CA VAL B 150 -27.77 34.59 -2.21
C VAL B 150 -26.71 34.77 -3.30
N THR B 151 -26.35 36.02 -3.61
CA THR B 151 -25.31 36.32 -4.61
C THR B 151 -23.98 36.50 -3.88
N GLU B 152 -22.92 35.85 -4.38
CA GLU B 152 -21.58 35.92 -3.79
C GLU B 152 -20.53 35.60 -4.84
N GLY B 153 -19.28 35.94 -4.53
CA GLY B 153 -18.13 35.61 -5.35
C GLY B 153 -17.84 34.14 -5.15
N MET B 154 -17.84 33.37 -6.25
CA MET B 154 -17.63 31.93 -6.20
C MET B 154 -16.31 31.53 -5.51
N TYR B 155 -15.18 32.20 -5.84
CA TYR B 155 -13.88 31.94 -5.20
C TYR B 155 -13.95 32.29 -3.73
N SER B 156 -14.58 33.43 -3.40
CA SER B 156 -14.77 33.88 -2.03
C SER B 156 -15.56 32.81 -1.25
N PHE B 157 -16.61 32.23 -1.88
CA PHE B 157 -17.47 31.19 -1.32
C PHE B 157 -16.66 29.92 -1.03
N CYS B 158 -15.93 29.40 -2.05
CA CYS B 158 -15.11 28.22 -1.96
C CYS B 158 -14.04 28.35 -0.88
N TYR B 159 -13.45 29.55 -0.73
CA TYR B 159 -12.46 29.87 0.30
C TYR B 159 -13.11 29.72 1.69
N ARG B 160 -14.23 30.43 1.96
CA ARG B 160 -14.97 30.38 3.23
C ARG B 160 -15.18 28.94 3.68
N VAL B 161 -15.85 28.17 2.79
CA VAL B 161 -16.31 26.80 3.01
C VAL B 161 -15.14 25.84 3.14
N MET B 162 -14.27 25.77 2.13
CA MET B 162 -13.15 24.83 2.16
C MET B 162 -12.15 25.14 3.26
N PHE B 163 -11.91 26.43 3.57
CA PHE B 163 -10.94 26.75 4.60
C PHE B 163 -11.42 26.30 5.97
N GLU B 164 -12.62 26.75 6.39
CA GLU B 164 -13.19 26.38 7.68
C GLU B 164 -13.30 24.87 7.85
N ALA B 165 -13.80 24.16 6.83
CA ALA B 165 -13.94 22.71 6.88
C ALA B 165 -12.57 22.01 6.97
N GLY B 166 -11.63 22.44 6.13
CA GLY B 166 -10.28 21.92 6.12
C GLY B 166 -9.57 22.14 7.43
N TYR B 167 -9.71 23.35 8.00
CA TYR B 167 -9.09 23.70 9.28
C TYR B 167 -9.58 22.82 10.41
N LEU B 168 -10.89 22.59 10.49
CA LEU B 168 -11.51 21.78 11.54
C LEU B 168 -11.21 20.31 11.38
N THR B 169 -11.07 19.83 10.13
CA THR B 169 -10.76 18.42 9.85
C THR B 169 -9.31 18.09 10.24
N ILE B 170 -8.38 18.98 9.88
CA ILE B 170 -6.95 18.80 10.14
C ILE B 170 -6.60 19.16 11.59
N PHE B 171 -7.11 20.30 12.11
CA PHE B 171 -6.73 20.77 13.45
C PHE B 171 -7.79 20.59 14.52
N GLY B 172 -8.87 19.88 14.21
CA GLY B 172 -9.93 19.63 15.18
C GLY B 172 -10.80 20.86 15.43
N ARG B 173 -11.76 20.74 16.36
CA ARG B 173 -12.65 21.84 16.74
C ARG B 173 -12.34 22.22 18.19
N ASP B 174 -12.28 23.53 18.49
CA ASP B 174 -12.07 24.01 19.86
C ASP B 174 -13.40 23.93 20.60
N LEU B 175 -13.45 23.14 21.67
CA LEU B 175 -14.65 22.94 22.49
C LEU B 175 -14.83 24.02 23.60
N THR B 176 -13.73 24.57 24.11
CA THR B 176 -13.73 25.57 25.18
C THR B 176 -14.24 26.94 24.72
N ARG B 177 -13.93 27.34 23.47
CA ARG B 177 -14.33 28.64 22.91
C ARG B 177 -15.84 28.71 22.66
N ARG B 178 -16.35 27.88 21.70
CA ARG B 178 -17.76 27.78 21.26
C ARG B 178 -18.31 29.13 20.71
N ASP B 179 -18.46 30.17 21.56
CA ASP B 179 -18.96 31.50 21.17
C ASP B 179 -17.93 32.21 20.28
N THR B 180 -16.74 32.51 20.84
CA THR B 180 -15.61 33.15 20.12
C THR B 180 -15.10 32.31 18.92
N GLN B 181 -15.55 31.04 18.77
CA GLN B 181 -15.16 30.10 17.72
C GLN B 181 -15.44 30.64 16.29
N LYS B 182 -16.55 31.40 16.10
CA LYS B 182 -16.86 32.01 14.79
C LYS B 182 -15.86 33.13 14.46
N ALA B 183 -15.56 33.99 15.48
CA ALA B 183 -14.61 35.11 15.38
C ALA B 183 -13.19 34.62 15.11
N HIS B 184 -12.79 33.51 15.75
CA HIS B 184 -11.47 32.88 15.59
C HIS B 184 -11.32 32.34 14.17
N ILE B 185 -12.40 31.69 13.65
CA ILE B 185 -12.48 31.13 12.31
C ILE B 185 -12.32 32.22 11.24
N LEU B 186 -12.97 33.39 11.43
CA LEU B 186 -12.88 34.54 10.52
C LEU B 186 -11.45 35.08 10.48
N ASN B 187 -10.83 35.30 11.67
CA ASN B 187 -9.47 35.79 11.84
C ASN B 187 -8.45 34.89 11.19
N ASN B 188 -8.58 33.58 11.40
CA ASN B 188 -7.68 32.59 10.80
C ASN B 188 -7.80 32.59 9.29
N LEU B 189 -9.04 32.70 8.78
CA LEU B 189 -9.28 32.78 7.36
C LEU B 189 -8.58 34.01 6.76
N ASP B 190 -8.81 35.21 7.36
CA ASP B 190 -8.22 36.46 6.89
C ASP B 190 -6.70 36.42 6.96
N ASN B 191 -6.14 35.93 8.09
CA ASN B 191 -4.70 35.79 8.29
C ASN B 191 -4.06 34.93 7.19
N PHE B 192 -4.70 33.79 6.88
CA PHE B 192 -4.21 32.89 5.86
C PHE B 192 -4.18 33.58 4.49
N LYS B 193 -5.23 34.34 4.15
CA LYS B 193 -5.32 35.08 2.88
C LYS B 193 -4.15 36.07 2.76
N GLN B 194 -3.86 36.79 3.86
CA GLN B 194 -2.79 37.78 3.92
C GLN B 194 -1.40 37.16 3.79
N PHE B 195 -1.18 35.99 4.42
CA PHE B 195 0.10 35.30 4.35
C PHE B 195 0.31 34.68 2.95
N ASP B 196 -0.69 33.92 2.48
CA ASP B 196 -0.66 33.24 1.18
C ASP B 196 -0.47 34.20 -0.01
N LYS B 197 -0.92 35.45 0.14
CA LYS B 197 -0.81 36.52 -0.85
C LYS B 197 0.65 36.83 -1.24
N VAL B 198 1.60 36.74 -0.29
CA VAL B 198 3.01 37.06 -0.54
C VAL B 198 3.88 35.81 -0.72
N PHE B 199 3.27 34.61 -0.64
CA PHE B 199 3.98 33.34 -0.78
C PHE B 199 4.90 33.28 -2.02
N PRO B 200 4.45 33.66 -3.25
CA PRO B 200 5.39 33.67 -4.40
C PRO B 200 6.67 34.48 -4.14
N ALA B 201 6.55 35.64 -3.46
CA ALA B 201 7.67 36.50 -3.12
C ALA B 201 8.61 35.83 -2.10
N LEU B 202 8.05 35.10 -1.13
CA LEU B 202 8.83 34.40 -0.10
C LEU B 202 9.70 33.29 -0.71
N VAL B 203 9.13 32.55 -1.67
CA VAL B 203 9.81 31.47 -2.41
C VAL B 203 10.96 32.07 -3.25
N ALA B 204 10.69 33.23 -3.88
CA ALA B 204 11.66 33.97 -4.67
C ALA B 204 12.89 34.42 -3.86
N GLY B 205 12.72 34.60 -2.54
CA GLY B 205 13.81 35.00 -1.65
C GLY B 205 13.62 36.34 -0.95
N LEU B 206 12.46 36.98 -1.17
CA LEU B 206 12.14 38.25 -0.53
C LEU B 206 11.82 38.02 0.95
N PRO B 207 12.31 38.84 1.89
CA PRO B 207 12.02 38.57 3.31
C PRO B 207 10.58 38.94 3.72
N ILE B 208 9.94 38.11 4.58
CA ILE B 208 8.57 38.36 5.08
C ILE B 208 8.47 39.71 5.83
N HIS B 209 9.58 40.17 6.44
CA HIS B 209 9.69 41.42 7.19
C HIS B 209 9.19 42.65 6.37
N MET B 210 9.49 42.62 5.06
CA MET B 210 9.13 43.56 3.98
C MET B 210 7.61 43.73 3.84
N PHE B 211 6.83 42.67 4.17
CA PHE B 211 5.38 42.62 4.09
C PHE B 211 4.83 42.59 5.52
N ARG B 212 4.62 43.78 6.13
CA ARG B 212 4.18 43.91 7.53
C ARG B 212 2.88 43.13 7.82
N THR B 213 1.80 43.40 7.04
CA THR B 213 0.50 42.74 7.13
C THR B 213 0.66 41.20 7.09
N ALA B 214 1.38 40.68 6.08
CA ALA B 214 1.64 39.25 5.91
C ALA B 214 2.52 38.67 7.02
N HIS B 215 3.46 39.47 7.56
CA HIS B 215 4.34 39.04 8.64
C HIS B 215 3.53 38.79 9.90
N ASN B 216 2.69 39.78 10.30
CA ASN B 216 1.79 39.71 11.45
C ASN B 216 0.81 38.55 11.32
N ALA B 217 0.27 38.35 10.08
CA ALA B 217 -0.68 37.28 9.76
C ALA B 217 -0.06 35.91 9.95
N ARG B 218 1.19 35.74 9.49
CA ARG B 218 1.91 34.48 9.64
C ARG B 218 2.14 34.16 11.11
N GLU B 219 2.49 35.18 11.92
CA GLU B 219 2.76 34.97 13.33
C GLU B 219 1.48 34.69 14.12
N LYS B 220 0.36 35.33 13.72
CA LYS B 220 -0.96 35.10 14.32
C LYS B 220 -1.43 33.68 14.02
N LEU B 221 -1.20 33.19 12.78
CA LEU B 221 -1.54 31.81 12.38
C LEU B 221 -0.74 30.82 13.22
N ALA B 222 0.57 31.08 13.37
CA ALA B 222 1.49 30.25 14.12
C ALA B 222 1.10 30.16 15.60
N GLU B 223 0.71 31.28 16.23
CA GLU B 223 0.30 31.35 17.63
C GLU B 223 -0.90 30.43 17.94
N SER B 224 -1.92 30.42 17.08
CA SER B 224 -3.10 29.59 17.26
C SER B 224 -2.83 28.09 17.03
N LEU B 225 -1.67 27.75 16.41
CA LEU B 225 -1.22 26.37 16.14
C LEU B 225 -0.13 25.90 17.15
N ARG B 226 0.02 26.61 18.26
CA ARG B 226 0.94 26.21 19.34
C ARG B 226 0.32 24.95 20.00
N HIS B 227 1.15 23.94 20.39
CA HIS B 227 0.67 22.69 21.02
C HIS B 227 -0.29 22.95 22.19
N GLU B 228 -0.07 24.02 22.99
CA GLU B 228 -0.94 24.39 24.12
C GLU B 228 -2.37 24.74 23.64
N ASN B 229 -2.52 25.28 22.42
CA ASN B 229 -3.81 25.64 21.83
C ASN B 229 -4.45 24.46 21.12
N LEU B 230 -3.63 23.63 20.45
CA LEU B 230 -4.08 22.44 19.72
C LEU B 230 -4.65 21.37 20.66
N GLN B 231 -4.02 21.12 21.82
CA GLN B 231 -4.45 20.12 22.81
C GLN B 231 -5.86 20.39 23.39
N LYS B 232 -6.32 21.65 23.31
CA LYS B 232 -7.63 22.11 23.78
C LYS B 232 -8.76 21.81 22.77
N ARG B 233 -8.42 21.17 21.63
CA ARG B 233 -9.36 20.89 20.55
C ARG B 233 -9.74 19.41 20.43
N GLU B 234 -11.00 19.12 20.10
CA GLU B 234 -11.43 17.74 19.91
C GLU B 234 -11.33 17.34 18.44
N SER B 235 -11.35 16.03 18.16
CA SER B 235 -11.30 15.43 16.83
C SER B 235 -10.16 15.98 15.95
N ILE B 236 -8.94 16.02 16.50
CA ILE B 236 -7.74 16.42 15.76
C ILE B 236 -7.45 15.25 14.80
N SER B 237 -6.93 15.57 13.60
CA SER B 237 -6.55 14.55 12.63
C SER B 237 -5.39 13.70 13.17
N GLU B 238 -5.32 12.42 12.75
CA GLU B 238 -4.22 11.52 13.11
C GLU B 238 -2.89 12.14 12.65
N LEU B 239 -2.91 12.91 11.55
CA LEU B 239 -1.76 13.62 10.99
C LEU B 239 -1.17 14.62 11.99
N ILE B 240 -1.98 15.58 12.46
CA ILE B 240 -1.49 16.59 13.40
C ILE B 240 -1.20 15.98 14.77
N SER B 241 -2.02 15.03 15.24
CA SER B 241 -1.70 14.41 16.52
C SER B 241 -0.37 13.64 16.42
N LEU B 242 -0.07 12.98 15.25
CA LEU B 242 1.23 12.32 15.08
C LEU B 242 2.36 13.35 15.00
N ARG B 243 2.13 14.41 14.21
CA ARG B 243 3.06 15.53 14.02
C ARG B 243 3.39 16.24 15.34
N MET B 244 2.43 16.32 16.29
CA MET B 244 2.66 16.93 17.59
C MET B 244 3.53 16.00 18.42
N PHE B 245 3.18 14.71 18.45
CA PHE B 245 3.91 13.68 19.17
C PHE B 245 5.38 13.61 18.72
N LEU B 246 5.63 13.60 17.38
CA LEU B 246 6.97 13.53 16.81
C LEU B 246 7.78 14.81 17.04
N ASN B 247 7.08 15.96 17.13
CA ASN B 247 7.70 17.26 17.44
C ASN B 247 8.31 17.21 18.85
N ASP B 248 7.63 16.52 19.78
CA ASP B 248 8.06 16.38 21.18
C ASP B 248 9.08 15.26 21.40
N THR B 249 8.92 14.13 20.69
CA THR B 249 9.74 12.93 20.82
C THR B 249 11.04 12.98 20.03
N LEU B 250 11.00 13.43 18.76
CA LEU B 250 12.16 13.39 17.87
C LEU B 250 12.78 14.75 17.50
N SER B 251 12.25 15.87 18.05
CA SER B 251 12.82 17.19 17.70
C SER B 251 13.25 17.99 18.93
N THR B 252 14.10 19.01 18.68
CA THR B 252 14.60 19.96 19.67
C THR B 252 14.13 21.38 19.29
N PHE B 253 12.98 21.46 18.56
CA PHE B 253 12.38 22.73 18.15
C PHE B 253 11.74 23.43 19.34
N ASP B 254 11.70 24.77 19.31
CA ASP B 254 11.03 25.52 20.36
C ASP B 254 9.51 25.55 20.08
N ASP B 255 8.71 25.99 21.06
CA ASP B 255 7.25 26.05 21.01
C ASP B 255 6.71 26.70 19.73
N LEU B 256 7.27 27.87 19.34
CA LEU B 256 6.85 28.59 18.15
C LEU B 256 7.27 27.85 16.87
N GLU B 257 8.48 27.23 16.84
CA GLU B 257 8.95 26.47 15.66
C GLU B 257 8.02 25.29 15.39
N LYS B 258 7.58 24.62 16.47
CA LYS B 258 6.67 23.50 16.40
C LYS B 258 5.36 23.97 15.76
N ALA B 259 4.83 25.13 16.22
CA ALA B 259 3.62 25.76 15.68
C ALA B 259 3.75 26.06 14.16
N LYS B 260 4.95 26.49 13.73
CA LYS B 260 5.19 26.80 12.33
C LYS B 260 5.24 25.55 11.50
N THR B 261 5.67 24.38 12.08
CA THR B 261 5.64 23.10 11.32
C THR B 261 4.18 22.72 11.03
N HIS B 262 3.25 23.12 11.89
CA HIS B 262 1.83 22.86 11.68
C HIS B 262 1.27 23.85 10.67
N LEU B 263 1.87 25.07 10.57
CA LEU B 263 1.49 26.09 9.57
C LEU B 263 1.88 25.62 8.16
N VAL B 264 3.03 24.92 8.02
CA VAL B 264 3.45 24.31 6.75
C VAL B 264 2.32 23.35 6.27
N VAL B 265 1.86 22.45 7.18
CA VAL B 265 0.81 21.47 6.89
C VAL B 265 -0.52 22.19 6.59
N LEU B 266 -0.87 23.28 7.32
CA LEU B 266 -2.10 24.04 7.04
C LEU B 266 -2.06 24.56 5.60
N TRP B 267 -0.98 25.29 5.23
CA TRP B 267 -0.75 25.84 3.89
C TRP B 267 -0.86 24.71 2.84
N ALA B 268 -0.10 23.60 3.03
CA ALA B 268 -0.11 22.41 2.14
C ALA B 268 -1.54 21.86 1.89
N SER B 269 -2.36 21.77 2.94
CA SER B 269 -3.73 21.26 2.88
C SER B 269 -4.75 22.24 2.28
N GLN B 270 -4.44 23.58 2.23
CA GLN B 270 -5.39 24.62 1.77
C GLN B 270 -5.06 25.31 0.45
N ALA B 271 -3.78 25.70 0.26
CA ALA B 271 -3.28 26.47 -0.88
C ALA B 271 -3.63 25.95 -2.25
N ASN B 272 -3.73 24.62 -2.45
CA ASN B 272 -4.06 24.07 -3.77
C ASN B 272 -5.50 23.57 -3.84
N THR B 273 -6.05 23.11 -2.72
CA THR B 273 -7.43 22.64 -2.61
C THR B 273 -8.39 23.78 -2.97
N ILE B 274 -8.20 24.98 -2.40
CA ILE B 274 -9.11 26.11 -2.63
C ILE B 274 -9.22 26.42 -4.14
N PRO B 275 -8.14 26.75 -4.90
CA PRO B 275 -8.33 27.01 -6.34
C PRO B 275 -8.81 25.75 -7.08
N ALA B 276 -8.42 24.56 -6.60
CA ALA B 276 -8.88 23.29 -7.22
C ALA B 276 -10.40 23.15 -7.09
N THR B 277 -10.95 23.53 -5.94
CA THR B 277 -12.38 23.48 -5.67
C THR B 277 -13.12 24.50 -6.53
N PHE B 278 -12.61 25.76 -6.59
CA PHE B 278 -13.22 26.82 -7.39
C PHE B 278 -13.42 26.37 -8.86
N TRP B 279 -12.32 25.91 -9.50
CA TRP B 279 -12.34 25.51 -10.90
C TRP B 279 -13.30 24.38 -11.14
N SER B 280 -13.29 23.36 -10.25
CA SER B 280 -14.21 22.24 -10.37
C SER B 280 -15.66 22.72 -10.34
N LEU B 281 -16.01 23.58 -9.34
CA LEU B 281 -17.37 24.15 -9.19
C LEU B 281 -17.74 25.01 -10.39
N PHE B 282 -16.81 25.91 -10.79
CA PHE B 282 -17.01 26.84 -11.90
C PHE B 282 -17.28 26.11 -13.19
N GLN B 283 -16.39 25.19 -13.57
CA GLN B 283 -16.49 24.46 -14.83
C GLN B 283 -17.74 23.59 -14.92
N MET B 284 -18.19 23.04 -13.78
CA MET B 284 -19.39 22.20 -13.71
C MET B 284 -20.66 23.03 -13.97
N ILE B 285 -20.74 24.25 -13.39
CA ILE B 285 -21.90 25.14 -13.57
C ILE B 285 -21.86 25.79 -14.98
N ARG B 286 -20.67 26.30 -15.42
CA ARG B 286 -20.42 26.93 -16.72
C ARG B 286 -20.88 26.06 -17.89
N ASN B 287 -20.72 24.72 -17.77
CA ASN B 287 -21.10 23.76 -18.81
C ASN B 287 -22.39 22.99 -18.43
N PRO B 288 -23.52 23.25 -19.12
CA PRO B 288 -24.79 22.55 -18.78
C PRO B 288 -24.72 21.03 -18.93
N GLU B 289 -23.90 20.56 -19.89
CA GLU B 289 -23.68 19.13 -20.15
C GLU B 289 -23.01 18.48 -18.93
N ALA B 290 -21.99 19.16 -18.34
CA ALA B 290 -21.26 18.68 -17.16
C ALA B 290 -22.14 18.69 -15.93
N MET B 291 -22.96 19.74 -15.76
CA MET B 291 -23.88 19.90 -14.64
C MET B 291 -24.93 18.78 -14.64
N LYS B 292 -25.58 18.52 -15.79
CA LYS B 292 -26.62 17.49 -15.94
C LYS B 292 -26.10 16.10 -15.58
N ALA B 293 -24.88 15.74 -16.08
CA ALA B 293 -24.26 14.44 -15.85
C ALA B 293 -23.89 14.22 -14.38
N ALA B 294 -23.27 15.25 -13.75
CA ALA B 294 -22.85 15.28 -12.36
C ALA B 294 -24.04 15.17 -11.41
N THR B 295 -25.15 15.89 -11.72
CA THR B 295 -26.41 15.91 -10.94
C THR B 295 -26.99 14.49 -10.89
N GLU B 296 -27.04 13.83 -12.06
CA GLU B 296 -27.56 12.46 -12.21
C GLU B 296 -26.69 11.46 -11.44
N GLU B 297 -25.35 11.62 -11.52
CA GLU B 297 -24.39 10.77 -10.83
C GLU B 297 -24.57 10.86 -9.31
N VAL B 298 -24.62 12.08 -8.77
CA VAL B 298 -24.79 12.36 -7.34
C VAL B 298 -26.17 11.83 -6.87
N LYS B 299 -27.22 12.04 -7.68
CA LYS B 299 -28.58 11.56 -7.38
C LYS B 299 -28.58 10.02 -7.27
N ARG B 300 -27.90 9.34 -8.23
CA ARG B 300 -27.74 7.88 -8.32
C ARG B 300 -26.96 7.32 -7.14
N THR B 301 -25.81 7.94 -6.82
CA THR B 301 -24.91 7.53 -5.73
C THR B 301 -25.58 7.62 -4.38
N LEU B 302 -26.28 8.74 -4.11
CA LEU B 302 -26.95 8.94 -2.84
C LEU B 302 -28.10 7.95 -2.65
N GLU B 303 -28.86 7.68 -3.73
CA GLU B 303 -29.96 6.71 -3.70
C GLU B 303 -29.45 5.33 -3.33
N ASN B 304 -28.38 4.86 -4.00
CA ASN B 304 -27.77 3.54 -3.78
C ASN B 304 -27.16 3.38 -2.40
N ALA B 305 -26.70 4.50 -1.79
CA ALA B 305 -26.09 4.50 -0.46
C ALA B 305 -27.13 4.69 0.65
N GLY B 306 -28.40 4.85 0.25
CA GLY B 306 -29.53 5.07 1.16
C GLY B 306 -29.44 6.37 1.92
N GLN B 307 -28.90 7.42 1.27
CA GLN B 307 -28.71 8.74 1.87
C GLN B 307 -29.74 9.73 1.37
N LYS B 308 -30.47 10.35 2.30
CA LYS B 308 -31.50 11.33 1.99
C LYS B 308 -30.98 12.69 2.39
N VAL B 309 -31.07 13.68 1.49
CA VAL B 309 -30.59 15.03 1.74
C VAL B 309 -31.70 15.86 2.39
N SER B 310 -31.43 16.40 3.59
CA SER B 310 -32.36 17.26 4.33
C SER B 310 -31.59 18.36 5.04
N LEU B 311 -32.28 19.42 5.46
CA LEU B 311 -31.63 20.54 6.12
C LEU B 311 -31.56 20.31 7.63
N GLU B 312 -32.73 20.20 8.29
CA GLU B 312 -32.86 19.98 9.74
C GLU B 312 -32.67 18.50 10.14
N GLY B 313 -32.61 17.61 9.15
CA GLY B 313 -32.45 16.18 9.39
C GLY B 313 -31.04 15.74 9.73
N ASN B 314 -30.76 14.46 9.45
CA ASN B 314 -29.48 13.80 9.74
C ASN B 314 -28.43 13.99 8.64
N PRO B 315 -27.11 14.05 8.98
CA PRO B 315 -26.08 14.23 7.94
C PRO B 315 -25.91 13.03 7.02
N ILE B 316 -25.48 13.28 5.77
CA ILE B 316 -25.26 12.21 4.80
C ILE B 316 -23.84 11.63 4.99
N CYS B 317 -23.73 10.30 4.84
CA CYS B 317 -22.51 9.53 5.01
C CYS B 317 -22.17 8.81 3.74
N LEU B 318 -20.94 8.98 3.29
CA LEU B 318 -20.47 8.27 2.10
C LEU B 318 -19.12 7.65 2.37
N SER B 319 -18.95 6.41 1.92
CA SER B 319 -17.70 5.71 2.16
C SER B 319 -16.65 6.09 1.12
N GLN B 320 -15.38 5.71 1.36
CA GLN B 320 -14.29 5.93 0.41
C GLN B 320 -14.60 5.20 -0.91
N ALA B 321 -15.13 3.98 -0.79
CA ALA B 321 -15.52 3.16 -1.93
C ALA B 321 -16.58 3.87 -2.77
N GLU B 322 -17.60 4.48 -2.11
CA GLU B 322 -18.68 5.22 -2.75
C GLU B 322 -18.15 6.47 -3.45
N LEU B 323 -17.18 7.19 -2.82
CA LEU B 323 -16.50 8.36 -3.42
C LEU B 323 -15.58 7.95 -4.59
N ASN B 324 -14.93 6.77 -4.49
CA ASN B 324 -14.04 6.21 -5.51
C ASN B 324 -14.77 5.55 -6.69
N ASP B 325 -16.10 5.71 -6.73
CA ASP B 325 -16.91 5.25 -7.84
C ASP B 325 -17.80 6.41 -8.36
N LEU B 326 -17.16 7.56 -8.60
CA LEU B 326 -17.80 8.77 -9.14
C LEU B 326 -16.98 9.19 -10.39
N PRO B 327 -17.06 8.40 -11.49
CA PRO B 327 -16.23 8.71 -12.67
C PRO B 327 -16.46 10.09 -13.30
N VAL B 328 -17.73 10.57 -13.34
CA VAL B 328 -18.09 11.90 -13.90
C VAL B 328 -17.42 13.00 -13.08
N LEU B 329 -17.59 12.96 -11.74
CA LEU B 329 -16.95 13.93 -10.84
C LEU B 329 -15.44 13.87 -10.94
N ASP B 330 -14.85 12.64 -10.97
CA ASP B 330 -13.41 12.45 -11.16
C ASP B 330 -12.93 13.14 -12.45
N SER B 331 -13.69 12.95 -13.55
CA SER B 331 -13.38 13.54 -14.84
C SER B 331 -13.41 15.08 -14.77
N ILE B 332 -14.45 15.66 -14.12
CA ILE B 332 -14.62 17.11 -13.93
C ILE B 332 -13.43 17.68 -13.14
N ILE B 333 -13.03 17.03 -12.01
CA ILE B 333 -11.89 17.48 -11.19
C ILE B 333 -10.59 17.41 -12.01
N LYS B 334 -10.32 16.25 -12.64
CA LYS B 334 -9.14 16.05 -13.47
C LYS B 334 -9.02 17.11 -14.59
N GLU B 335 -10.13 17.36 -15.31
CA GLU B 335 -10.18 18.35 -16.40
C GLU B 335 -10.01 19.78 -15.86
N SER B 336 -10.51 20.04 -14.63
CA SER B 336 -10.35 21.35 -13.98
C SER B 336 -8.88 21.55 -13.61
N LEU B 337 -8.23 20.50 -13.10
CA LEU B 337 -6.81 20.56 -12.73
C LEU B 337 -5.90 20.59 -13.96
N ARG B 338 -6.28 19.89 -15.05
CA ARG B 338 -5.50 19.84 -16.30
C ARG B 338 -5.28 21.26 -16.85
N LEU B 339 -6.33 22.10 -16.77
CA LEU B 339 -6.32 23.47 -17.25
C LEU B 339 -5.66 24.46 -16.27
N SER B 340 -5.67 24.19 -14.95
CA SER B 340 -5.16 25.14 -13.96
C SER B 340 -3.84 24.80 -13.30
N SER B 341 -3.36 23.54 -13.37
CA SER B 341 -2.09 23.13 -12.75
C SER B 341 -0.89 23.81 -13.38
N ALA B 342 0.00 24.36 -12.54
CA ALA B 342 1.25 24.98 -12.97
C ALA B 342 2.36 24.66 -11.97
N SER B 343 2.51 23.36 -11.67
CA SER B 343 3.54 22.84 -10.77
C SER B 343 4.90 22.84 -11.47
N LEU B 344 5.95 22.82 -10.65
CA LEU B 344 7.36 22.78 -11.05
C LEU B 344 7.93 21.55 -10.35
N ASN B 345 8.09 20.45 -11.10
CA ASN B 345 8.61 19.19 -10.58
C ASN B 345 10.12 19.32 -10.58
N ILE B 346 10.72 19.39 -9.38
CA ILE B 346 12.14 19.61 -9.21
C ILE B 346 12.85 18.48 -8.47
N ARG B 347 14.10 18.23 -8.88
CA ARG B 347 15.07 17.35 -8.25
C ARG B 347 16.46 17.96 -8.50
N THR B 348 17.38 17.72 -7.57
CA THR B 348 18.72 18.27 -7.63
C THR B 348 19.75 17.16 -7.88
N ALA B 349 20.82 17.47 -8.63
CA ALA B 349 21.88 16.52 -8.90
C ALA B 349 22.81 16.43 -7.67
N LYS B 350 22.94 15.21 -7.11
CA LYS B 350 23.78 14.93 -5.93
C LYS B 350 25.27 15.05 -6.29
N GLU B 351 25.63 14.64 -7.52
CA GLU B 351 26.98 14.67 -8.09
C GLU B 351 26.88 14.87 -9.61
N ASP B 352 28.02 15.09 -10.29
CA ASP B 352 28.09 15.26 -11.75
C ASP B 352 27.76 13.89 -12.39
N PHE B 353 26.79 13.85 -13.33
CA PHE B 353 26.36 12.62 -14.01
C PHE B 353 25.78 12.89 -15.42
N THR B 354 25.49 11.81 -16.16
CA THR B 354 24.92 11.87 -17.51
C THR B 354 23.48 11.37 -17.47
N LEU B 355 22.54 12.18 -17.98
CA LEU B 355 21.12 11.83 -18.03
C LEU B 355 20.82 11.26 -19.42
N HIS B 356 20.23 10.05 -19.47
CA HIS B 356 19.92 9.38 -20.73
C HIS B 356 18.42 9.52 -21.04
N LEU B 357 18.11 10.29 -22.11
CA LEU B 357 16.74 10.58 -22.55
C LEU B 357 16.49 10.14 -24.01
N GLU B 358 15.20 10.15 -24.42
CA GLU B 358 14.73 9.80 -25.77
C GLU B 358 15.33 10.73 -26.85
N ASP B 359 15.56 12.00 -26.48
CA ASP B 359 16.13 13.06 -27.33
C ASP B 359 17.65 12.96 -27.42
N GLY B 360 18.26 12.33 -26.41
CA GLY B 360 19.70 12.13 -26.33
C GLY B 360 20.23 12.00 -24.91
N SER B 361 21.57 12.02 -24.79
CA SER B 361 22.25 11.94 -23.50
C SER B 361 22.93 13.28 -23.19
N TYR B 362 22.60 13.86 -22.03
CA TYR B 362 23.09 15.17 -21.63
C TYR B 362 23.82 15.14 -20.30
N ASN B 363 24.92 15.90 -20.20
CA ASN B 363 25.75 15.98 -19.00
C ASN B 363 25.25 17.05 -18.05
N ILE B 364 25.02 16.66 -16.79
CA ILE B 364 24.50 17.53 -15.74
C ILE B 364 25.53 17.64 -14.60
N ARG B 365 25.79 18.86 -14.13
CA ARG B 365 26.74 19.15 -13.06
C ARG B 365 26.11 18.96 -11.67
N LYS B 366 26.95 18.90 -10.62
CA LYS B 366 26.51 18.77 -9.23
C LYS B 366 25.72 20.03 -8.81
N ASP B 367 24.68 19.83 -7.96
CA ASP B 367 23.78 20.85 -7.39
C ASP B 367 22.87 21.56 -8.42
N ASP B 368 22.88 21.09 -9.69
CA ASP B 368 22.03 21.61 -10.76
C ASP B 368 20.60 21.11 -10.52
N ILE B 369 19.61 21.86 -11.01
CA ILE B 369 18.22 21.47 -10.88
C ILE B 369 17.74 20.85 -12.22
N ILE B 370 17.02 19.73 -12.09
CA ILE B 370 16.39 19.02 -13.20
C ILE B 370 14.89 19.28 -12.97
N ALA B 371 14.25 20.00 -13.90
CA ALA B 371 12.84 20.36 -13.72
C ALA B 371 11.89 19.95 -14.86
N LEU B 372 10.61 19.82 -14.50
CA LEU B 372 9.48 19.53 -15.38
C LEU B 372 8.42 20.61 -15.11
N TYR B 373 7.84 21.16 -16.18
CA TYR B 373 6.73 22.12 -16.10
C TYR B 373 5.59 21.38 -16.82
N PRO B 374 4.87 20.48 -16.09
CA PRO B 374 3.87 19.62 -16.74
C PRO B 374 2.66 20.33 -17.35
N GLN B 375 2.54 21.68 -17.20
CA GLN B 375 1.48 22.44 -17.87
C GLN B 375 1.72 22.35 -19.40
N LEU B 376 2.99 22.12 -19.82
CA LEU B 376 3.38 21.93 -21.22
C LEU B 376 2.75 20.67 -21.76
N MET B 377 2.56 19.68 -20.88
CA MET B 377 1.98 18.42 -21.28
C MET B 377 0.44 18.46 -21.20
N HIS B 378 -0.12 18.99 -20.10
CA HIS B 378 -1.58 19.08 -19.91
C HIS B 378 -2.29 19.85 -21.03
N LEU B 379 -1.61 20.87 -21.62
CA LEU B 379 -2.13 21.73 -22.68
C LEU B 379 -1.52 21.39 -24.07
N ASP B 380 -0.94 20.19 -24.20
CA ASP B 380 -0.33 19.71 -25.45
C ASP B 380 -1.45 19.23 -26.38
N PRO B 381 -1.60 19.85 -27.58
CA PRO B 381 -2.67 19.42 -28.51
C PRO B 381 -2.48 18.02 -29.09
N GLU B 382 -1.21 17.54 -29.16
CA GLU B 382 -0.87 16.20 -29.65
C GLU B 382 -1.37 15.12 -28.69
N ILE B 383 -1.49 15.43 -27.37
CA ILE B 383 -2.00 14.53 -26.33
C ILE B 383 -3.49 14.80 -26.06
N TYR B 384 -3.87 16.09 -25.88
CA TYR B 384 -5.25 16.50 -25.61
C TYR B 384 -5.80 17.41 -26.75
N PRO B 385 -6.61 16.84 -27.70
CA PRO B 385 -7.16 17.67 -28.79
C PRO B 385 -8.08 18.75 -28.24
N ASP B 386 -8.00 19.98 -28.80
CA ASP B 386 -8.66 21.22 -28.33
C ASP B 386 -8.21 21.38 -26.87
N PRO B 387 -6.90 21.63 -26.62
CA PRO B 387 -6.39 21.61 -25.24
C PRO B 387 -6.86 22.71 -24.30
N LEU B 388 -7.26 23.85 -24.82
CA LEU B 388 -7.70 24.98 -23.99
C LEU B 388 -9.21 24.95 -23.69
N THR B 389 -9.92 23.92 -24.20
CA THR B 389 -11.36 23.75 -23.99
C THR B 389 -11.60 22.74 -22.84
N PHE B 390 -12.56 23.06 -21.95
CA PHE B 390 -12.96 22.16 -20.88
C PHE B 390 -13.93 21.13 -21.49
N LYS B 391 -13.52 19.86 -21.53
CA LYS B 391 -14.35 18.74 -21.99
C LYS B 391 -14.53 17.87 -20.75
N TYR B 392 -15.73 17.92 -20.14
CA TYR B 392 -16.05 17.27 -18.88
C TYR B 392 -15.80 15.75 -18.87
N ASP B 393 -15.98 15.10 -20.02
CA ASP B 393 -15.81 13.66 -20.19
C ASP B 393 -14.44 13.30 -20.77
N ARG B 394 -13.42 14.19 -20.62
CA ARG B 394 -12.09 13.93 -21.17
C ARG B 394 -11.41 12.69 -20.57
N TYR B 395 -11.73 12.38 -19.31
CA TYR B 395 -11.16 11.22 -18.63
C TYR B 395 -12.20 10.12 -18.47
N LEU B 396 -13.10 9.99 -19.48
CA LEU B 396 -14.15 8.98 -19.53
C LEU B 396 -14.20 8.32 -20.91
N ASP B 397 -14.32 6.99 -20.95
CA ASP B 397 -14.40 6.31 -22.24
C ASP B 397 -15.85 6.31 -22.78
N GLU B 398 -16.10 5.53 -23.85
CA GLU B 398 -17.42 5.45 -24.49
C GLU B 398 -18.49 4.96 -23.50
N ASN B 399 -18.11 4.00 -22.63
CA ASN B 399 -18.96 3.36 -21.61
C ASN B 399 -19.15 4.22 -20.34
N GLY B 400 -18.48 5.37 -20.28
CA GLY B 400 -18.55 6.29 -19.15
C GLY B 400 -17.79 5.81 -17.93
N LYS B 401 -16.63 5.15 -18.17
CA LYS B 401 -15.70 4.61 -17.18
C LYS B 401 -14.35 5.34 -17.32
N THR B 402 -13.62 5.54 -16.21
CA THR B 402 -12.34 6.28 -16.18
C THR B 402 -11.36 5.82 -17.27
N LYS B 403 -10.99 6.75 -18.17
CA LYS B 403 -10.04 6.55 -19.28
C LYS B 403 -8.61 6.85 -18.79
N THR B 404 -7.68 5.89 -18.99
CA THR B 404 -6.27 5.98 -18.58
C THR B 404 -5.29 5.80 -19.76
N THR B 405 -5.80 5.66 -20.98
CA THR B 405 -4.96 5.44 -22.15
C THR B 405 -4.80 6.72 -22.97
N PHE B 406 -3.65 7.40 -22.77
CA PHE B 406 -3.36 8.63 -23.49
C PHE B 406 -2.10 8.45 -24.30
N TYR B 407 -2.11 8.96 -25.54
CA TYR B 407 -1.02 8.78 -26.50
C TYR B 407 -0.33 10.05 -26.93
N CYS B 408 0.98 9.95 -27.17
CA CYS B 408 1.85 11.02 -27.63
C CYS B 408 2.71 10.47 -28.75
N ASN B 409 2.50 11.01 -29.98
CA ASN B 409 3.15 10.60 -31.22
C ASN B 409 3.02 9.07 -31.41
N GLY B 410 1.79 8.57 -31.19
CA GLY B 410 1.41 7.17 -31.31
C GLY B 410 2.00 6.23 -30.28
N LEU B 411 2.56 6.78 -29.18
CA LEU B 411 3.17 6.01 -28.10
C LEU B 411 2.36 6.20 -26.80
N LYS B 412 2.13 5.11 -26.05
CA LYS B 412 1.35 5.16 -24.80
C LYS B 412 2.15 5.84 -23.70
N LEU B 413 1.56 6.87 -23.08
CA LEU B 413 2.17 7.66 -22.02
C LEU B 413 1.97 7.08 -20.62
N LYS B 414 3.08 6.96 -19.85
CA LYS B 414 3.02 6.50 -18.46
C LYS B 414 2.53 7.66 -17.58
N TYR B 415 3.06 8.88 -17.83
CA TYR B 415 2.73 10.11 -17.12
C TYR B 415 2.01 11.06 -18.07
N TYR B 416 0.69 11.26 -17.89
CA TYR B 416 -0.15 12.09 -18.76
C TYR B 416 -0.91 13.16 -17.96
N TYR B 417 -1.14 12.92 -16.66
CA TYR B 417 -1.85 13.80 -15.73
C TYR B 417 -1.01 13.84 -14.43
N MET B 418 -0.43 15.03 -14.13
CA MET B 418 0.49 15.26 -13.02
C MET B 418 0.22 16.48 -12.11
N PRO B 419 -1.04 16.90 -11.79
CA PRO B 419 -1.20 18.08 -10.92
C PRO B 419 -0.66 17.88 -9.49
N PHE B 420 -0.61 16.62 -9.01
CA PHE B 420 -0.10 16.23 -7.69
C PHE B 420 1.37 15.77 -7.79
N GLY B 421 1.96 15.87 -8.98
CA GLY B 421 3.29 15.37 -9.23
C GLY B 421 3.22 13.88 -9.48
N SER B 422 4.36 13.20 -9.36
CA SER B 422 4.53 11.76 -9.58
C SER B 422 5.85 11.29 -8.97
N GLY B 423 5.99 9.98 -8.86
CA GLY B 423 7.18 9.39 -8.28
C GLY B 423 7.29 9.71 -6.81
N ALA B 424 8.53 9.93 -6.33
CA ALA B 424 8.77 10.25 -4.91
C ALA B 424 8.27 11.65 -4.61
N THR B 425 8.28 12.53 -5.64
CA THR B 425 7.81 13.91 -5.62
C THR B 425 6.29 13.94 -5.91
N ILE B 426 5.51 13.19 -5.10
CA ILE B 426 4.07 13.14 -5.26
C ILE B 426 3.41 13.63 -3.96
N CYS B 427 2.32 14.40 -4.13
CA CYS B 427 1.53 14.90 -3.02
C CYS B 427 1.01 13.71 -2.17
N PRO B 428 1.32 13.62 -0.84
CA PRO B 428 0.75 12.52 -0.03
C PRO B 428 -0.74 12.72 0.26
N GLY B 429 -1.21 13.97 0.16
CA GLY B 429 -2.59 14.32 0.43
C GLY B 429 -3.55 14.18 -0.73
N ARG B 430 -3.09 13.62 -1.89
CA ARG B 430 -3.87 13.47 -3.13
C ARG B 430 -5.21 12.73 -2.95
N LEU B 431 -5.24 11.61 -2.23
CA LEU B 431 -6.48 10.88 -2.05
C LEU B 431 -7.50 11.70 -1.27
N PHE B 432 -7.07 12.36 -0.19
CA PHE B 432 -7.92 13.26 0.62
C PHE B 432 -8.39 14.45 -0.23
N ALA B 433 -7.45 15.09 -0.96
CA ALA B 433 -7.72 16.22 -1.84
C ALA B 433 -8.88 15.90 -2.80
N ILE B 434 -8.82 14.75 -3.49
CA ILE B 434 -9.90 14.35 -4.41
C ILE B 434 -11.21 14.05 -3.65
N HIS B 435 -11.12 13.38 -2.46
CA HIS B 435 -12.31 13.10 -1.66
C HIS B 435 -13.03 14.40 -1.22
N GLU B 436 -12.27 15.39 -0.67
CA GLU B 436 -12.86 16.64 -0.19
C GLU B 436 -13.48 17.46 -1.31
N ILE B 437 -12.86 17.48 -2.52
CA ILE B 437 -13.46 18.20 -3.64
C ILE B 437 -14.79 17.52 -3.99
N LYS B 438 -14.78 16.19 -4.13
CA LYS B 438 -15.97 15.38 -4.43
C LYS B 438 -17.09 15.67 -3.43
N GLN B 439 -16.76 15.64 -2.11
CA GLN B 439 -17.70 15.94 -1.03
C GLN B 439 -18.32 17.34 -1.18
N PHE B 440 -17.49 18.37 -1.50
CA PHE B 440 -17.99 19.74 -1.70
C PHE B 440 -18.99 19.79 -2.86
N LEU B 441 -18.65 19.19 -4.02
CA LEU B 441 -19.50 19.12 -5.20
C LEU B 441 -20.82 18.34 -4.94
N ILE B 442 -20.74 17.19 -4.25
CA ILE B 442 -21.90 16.37 -3.90
C ILE B 442 -22.89 17.21 -3.08
N LEU B 443 -22.38 17.87 -2.01
CA LEU B 443 -23.19 18.71 -1.12
C LEU B 443 -23.74 19.94 -1.82
N MET B 444 -22.95 20.58 -2.71
CA MET B 444 -23.38 21.76 -3.48
C MET B 444 -24.56 21.42 -4.40
N LEU B 445 -24.48 20.28 -5.10
CA LEU B 445 -25.53 19.80 -6.01
C LEU B 445 -26.79 19.41 -5.23
N SER B 446 -26.63 18.77 -4.06
CA SER B 446 -27.71 18.29 -3.18
C SER B 446 -28.43 19.39 -2.38
N TYR B 447 -27.72 20.44 -1.98
CA TYR B 447 -28.29 21.49 -1.14
C TYR B 447 -28.89 22.63 -1.91
N PHE B 448 -28.18 23.12 -2.96
CA PHE B 448 -28.59 24.33 -3.66
C PHE B 448 -28.92 24.20 -5.13
N GLU B 449 -29.68 25.20 -5.61
CA GLU B 449 -30.00 25.45 -7.00
C GLU B 449 -28.91 26.47 -7.36
N LEU B 450 -28.08 26.14 -8.36
CA LEU B 450 -26.92 26.97 -8.69
C LEU B 450 -27.03 27.61 -10.06
N GLU B 451 -26.55 28.87 -10.15
CA GLU B 451 -26.60 29.71 -11.35
C GLU B 451 -25.48 30.74 -11.34
N LEU B 452 -25.07 31.21 -12.54
CA LEU B 452 -24.05 32.25 -12.67
C LEU B 452 -24.75 33.58 -13.04
N ILE B 453 -24.15 34.73 -12.65
CA ILE B 453 -24.71 36.05 -12.95
C ILE B 453 -24.35 36.46 -14.37
N ALA B 457 -19.93 35.87 -17.60
CA ALA B 457 -18.75 36.37 -18.30
C ALA B 457 -17.80 35.24 -18.76
N LYS B 458 -16.70 35.63 -19.48
CA LYS B 458 -15.64 34.78 -20.03
C LYS B 458 -15.01 33.91 -18.94
N CYS B 459 -14.19 32.91 -19.33
CA CYS B 459 -13.48 32.12 -18.34
C CYS B 459 -12.37 33.04 -17.78
N PRO B 460 -12.29 33.23 -16.44
CA PRO B 460 -11.30 34.17 -15.90
C PRO B 460 -9.86 33.78 -16.23
N PRO B 461 -8.97 34.77 -16.43
CA PRO B 461 -7.57 34.43 -16.73
C PRO B 461 -6.90 33.89 -15.48
N LEU B 462 -5.96 32.94 -15.66
CA LEU B 462 -5.19 32.34 -14.59
C LEU B 462 -4.17 33.34 -14.02
N ASP B 463 -4.09 33.42 -12.68
CA ASP B 463 -3.15 34.30 -11.99
C ASP B 463 -1.77 33.61 -12.06
N GLN B 464 -0.94 34.01 -13.04
CA GLN B 464 0.38 33.41 -13.28
C GLN B 464 1.40 33.69 -12.17
N SER B 465 1.10 34.60 -11.21
CA SER B 465 2.02 34.92 -10.11
C SER B 465 2.26 33.69 -9.19
N ARG B 466 1.40 32.68 -9.33
CA ARG B 466 1.47 31.49 -8.52
C ARG B 466 2.08 30.31 -9.29
N ALA B 467 2.72 30.58 -10.44
CA ALA B 467 3.40 29.56 -11.26
C ALA B 467 4.49 28.85 -10.46
N GLY B 468 4.48 27.53 -10.52
CA GLY B 468 5.41 26.68 -9.79
C GLY B 468 4.91 26.27 -8.42
N LEU B 469 3.84 26.94 -7.91
CA LEU B 469 3.31 26.67 -6.57
C LEU B 469 2.09 25.74 -6.52
N GLY B 470 1.71 25.20 -7.67
CA GLY B 470 0.57 24.30 -7.81
C GLY B 470 -0.53 24.83 -8.72
N ILE B 471 -1.79 24.73 -8.26
CA ILE B 471 -2.98 25.16 -9.01
C ILE B 471 -3.03 26.65 -9.08
N LEU B 472 -3.18 27.23 -10.30
CA LEU B 472 -3.28 28.69 -10.47
C LEU B 472 -4.71 29.15 -10.16
N PRO B 473 -4.90 30.14 -9.28
CA PRO B 473 -6.27 30.64 -9.01
C PRO B 473 -6.74 31.58 -10.12
N PRO B 474 -8.04 31.94 -10.21
CA PRO B 474 -8.43 32.96 -11.19
C PRO B 474 -7.87 34.33 -10.77
N LEU B 475 -7.56 35.19 -11.74
CA LEU B 475 -7.04 36.53 -11.43
C LEU B 475 -8.13 37.39 -10.77
N ASN B 476 -9.37 37.27 -11.25
CA ASN B 476 -10.53 37.98 -10.75
C ASN B 476 -11.63 36.97 -10.46
N ASP B 477 -12.38 37.18 -9.38
CA ASP B 477 -13.47 36.31 -8.98
C ASP B 477 -14.71 36.58 -9.84
N ILE B 478 -15.56 35.56 -10.03
CA ILE B 478 -16.82 35.68 -10.76
C ILE B 478 -17.95 35.51 -9.77
N GLU B 479 -19.05 36.22 -9.98
CA GLU B 479 -20.22 36.13 -9.12
C GLU B 479 -21.12 34.94 -9.52
N PHE B 480 -21.82 34.38 -8.51
CA PHE B 480 -22.76 33.29 -8.69
C PHE B 480 -23.90 33.39 -7.66
N LYS B 481 -25.03 32.71 -7.89
CA LYS B 481 -26.17 32.72 -6.98
C LYS B 481 -26.52 31.30 -6.51
N TYR B 482 -26.97 31.18 -5.26
CA TYR B 482 -27.38 29.91 -4.65
C TYR B 482 -28.61 30.11 -3.79
N LYS B 483 -29.47 29.09 -3.77
CA LYS B 483 -30.70 29.07 -2.98
C LYS B 483 -30.92 27.65 -2.53
N PHE B 484 -30.98 27.44 -1.20
CA PHE B 484 -31.21 26.15 -0.58
C PHE B 484 -32.52 25.52 -1.08
N LYS B 485 -32.62 24.20 -0.92
CA LYS B 485 -33.82 23.42 -1.22
C LYS B 485 -34.34 22.90 0.13
N HIS B 486 -35.57 22.32 0.19
CA HIS B 486 -36.24 21.79 1.41
C HIS B 486 -36.67 22.96 2.32
CHA HEM C . 6.14 -15.99 3.92
CHB HEM C . 4.18 -20.02 5.74
CHC HEM C . -0.04 -17.77 6.05
CHD HEM C . 1.86 -13.74 4.25
C1A HEM C . 5.96 -17.27 4.42
C2A HEM C . 6.99 -18.27 4.52
C3A HEM C . 6.44 -19.37 5.07
C4A HEM C . 5.08 -19.08 5.29
CMA HEM C . 7.12 -20.70 5.37
CAA HEM C . 8.43 -18.11 4.12
CBA HEM C . 9.33 -18.22 5.39
CGA HEM C . 10.80 -18.09 4.94
O1A HEM C . 11.16 -16.97 4.58
O2A HEM C . 11.69 -19.17 4.94
C1B HEM C . 2.85 -19.72 5.93
C2B HEM C . 1.96 -20.68 6.48
C3B HEM C . 0.72 -20.04 6.57
C4B HEM C . 0.96 -18.70 6.05
CMB HEM C . 2.37 -22.10 6.92
CAB HEM C . -0.57 -20.50 7.08
CBB HEM C . -0.72 -21.72 7.60
C1C HEM C . 0.11 -16.47 5.60
C2C HEM C . -0.95 -15.52 5.60
C3C HEM C . -0.43 -14.36 5.10
C4C HEM C . 0.97 -14.61 4.79
CMC HEM C . -2.37 -15.76 6.08
CAC HEM C . -1.26 -13.11 4.97
CBC HEM C . -0.89 -12.01 4.30
C1D HEM C . 3.19 -14.09 3.97
C2D HEM C . 4.10 -13.15 3.29
C3D HEM C . 5.31 -13.73 3.24
C4D HEM C . 5.13 -15.06 3.85
CMD HEM C . 3.71 -11.78 2.81
CAD HEM C . 6.56 -13.13 2.63
CBD HEM C . 7.33 -12.21 3.61
CGD HEM C . 8.45 -11.46 2.87
O1D HEM C . 8.79 -10.34 3.16
O2D HEM C . 9.10 -12.06 1.86
NA HEM C . 4.77 -17.75 4.94
NB HEM C . 2.25 -18.51 5.71
NC HEM C . 1.31 -15.92 5.14
ND HEM C . 3.85 -15.25 4.27
FE HEM C . 3.10 -16.82 5.18
C1 K2B D . 9.49 -19.56 0.42
C2 K2B D . 9.69 -21.04 0.72
C3 K2B D . 8.56 -21.61 1.57
C4 K2B D . 7.29 -21.05 1.53
C5 K2B D . 7.01 -19.94 0.75
C6 K2B D . 5.58 -19.40 0.80
C7 K2B D . 5.64 -17.88 0.97
C8 K2B D . 6.47 -17.27 -0.16
C9 K2B D . 7.94 -17.73 -0.12
C10 K2B D . 8.10 -19.26 -0.14
C11 K2B D . 8.82 -17.04 -1.20
C12 K2B D . 8.67 -15.50 -1.18
C13 K2B D . 7.19 -15.09 -1.24
C14 K2B D . 6.46 -15.76 -0.08
C15 K2B D . 5.08 -15.12 -0.09
C16 K2B D . 5.41 -13.66 -0.46
C17 K2B D . 6.91 -13.63 -0.85
C18 K2B D . 6.60 -15.47 -2.61
C19 K2B D . 8.00 -19.82 -1.57
C20 K2B D . 7.21 -12.55 -1.92
C21 K2B D . 8.72 -12.36 -2.10
C22 K2B D . 6.59 -11.22 -1.46
C23 K2B D . 6.65 -10.12 -2.50
C24 K2B D . 5.94 -8.88 -1.94
C25 K2B D . 5.18 -8.02 -2.97
C27 K2B D . 5.83 -8.01 -4.36
C26 K2B D . 5.03 -6.60 -2.44
O1 K2B D . 8.77 -22.59 2.27
UNK UNX E . 10.34 -37.38 0.72
UNK UNX F . -10.35 -13.71 -11.12
UNK UNX G . -6.58 -32.43 -3.58
UNK UNX H . -3.94 1.50 6.97
CHA HEM I . 3.03 18.33 -1.82
CHB HEM I . -0.38 19.41 -5.09
CHC HEM I . -3.73 18.89 -1.72
CHD HEM I . -0.38 17.82 1.59
C1A HEM I . 2.36 18.66 -3.01
C2A HEM I . 3.00 18.89 -4.29
C3A HEM I . 2.04 19.14 -5.22
C4A HEM I . 0.81 19.09 -4.50
CMA HEM I . 2.20 19.44 -6.69
CAA HEM I . 4.48 18.81 -4.60
CBA HEM I . 4.75 17.63 -5.55
CGA HEM I . 6.25 17.61 -5.86
O1A HEM I . 6.96 17.25 -4.95
O2A HEM I . 6.81 17.98 -7.08
C1B HEM I . -1.58 19.38 -4.40
C2B HEM I . -2.81 19.63 -5.08
C3B HEM I . -3.78 19.51 -4.10
C4B HEM I . -3.07 19.16 -2.87
CMB HEM I . -2.97 19.92 -6.56
CAB HEM I . -5.26 19.61 -4.19
CBB HEM I . -5.89 19.86 -5.32
C1C HEM I . -3.12 18.53 -0.53
C2C HEM I . -3.84 18.26 0.66
C3C HEM I . -2.89 17.93 1.64
C4C HEM I . -1.59 18.03 1.00
CMC HEM I . -5.34 18.33 0.81
CAC HEM I . -3.30 17.55 3.03
CBC HEM I . -2.46 17.40 4.04
C1D HEM I . 0.84 17.93 0.89
C2D HEM I . 2.14 17.77 1.59
C3D HEM I . 3.10 17.84 0.64
C4D HEM I . 2.38 18.12 -0.62
CMD HEM I . 2.30 17.50 3.07
CAD HEM I . 4.59 17.75 0.85
CBD HEM I . 5.11 16.29 0.89
CGD HEM I . 6.55 16.21 1.42
O1D HEM I . 7.01 15.25 2.12
O2D HEM I . 7.37 17.22 1.08
NA HEM I . 0.99 18.75 -3.15
NB HEM I . -1.73 19.05 -3.09
NC HEM I . -1.74 18.37 -0.37
ND HEM I . 1.02 18.17 -0.44
FE HEM I . -0.39 18.44 -1.80
C1 K2B J . 6.60 22.37 -4.63
C2 K2B J . 6.30 22.84 -6.07
C3 K2B J . 4.82 22.70 -6.44
C4 K2B J . 3.84 22.72 -5.46
C5 K2B J . 4.15 22.84 -4.11
C6 K2B J . 2.99 22.82 -3.12
C7 K2B J . 3.32 21.85 -1.96
C8 K2B J . 4.64 22.26 -1.31
C9 K2B J . 5.83 22.17 -2.29
C10 K2B J . 5.63 22.95 -3.61
C11 K2B J . 7.19 22.47 -1.62
C12 K2B J . 7.40 21.66 -0.31
C13 K2B J . 6.21 21.83 0.63
C14 K2B J . 4.95 21.39 -0.10
C15 K2B J . 3.86 21.37 0.97
C16 K2B J . 4.64 20.84 2.20
C17 K2B J . 6.13 20.80 1.78
C18 K2B J . 6.13 23.29 1.14
C19 K2B J . 5.95 24.42 -3.42
C20 K2B J . 7.06 21.02 3.00
C21 K2B J . 8.51 20.71 2.64
C22 K2B J . 6.63 20.06 4.13
C23 K2B J . 7.32 20.32 5.46
C24 K2B J . 6.74 19.36 6.53
C25 K2B J . 6.67 19.94 7.96
C27 K2B J . 7.77 20.94 8.30
C26 K2B J . 6.68 18.80 8.97
O1 K2B J . 4.51 22.59 -7.63
UNK UNX K . 17.35 21.08 -26.45
UNK UNX L . 10.61 15.88 14.86
UNK UNX M . -5.03 33.47 12.63
UNK UNX N . -9.98 36.92 -5.51
#